data_5E5M
#
_entry.id   5E5M
#
_cell.length_a   78.220
_cell.length_b   111.572
_cell.length_c   112.881
_cell.angle_alpha   90.00
_cell.angle_beta   90.00
_cell.angle_gamma   90.00
#
_symmetry.space_group_name_H-M   'P 21 21 21'
#
loop_
_entity.id
_entity.type
_entity.pdbx_description
1 polymer 'Cytotoxic T-lymphocyte protein 4'
2 polymer 'CTLA-4 nanobody'
3 non-polymer GLYCEROL
4 water water
#
loop_
_entity_poly.entity_id
_entity_poly.type
_entity_poly.pdbx_seq_one_letter_code
_entity_poly.pdbx_strand_id
1 'polypeptide(L)'
;IQVTQPSVVLASSHGVASFPCEYSPSHNTDEVRVTVLRQTNDQMTEVCATTFTEKNTVGFLDYPFCSGTFNESRVNLTIQ
GLRAVDTGLYLCKVELMYPPPYFVGMGNGTQIYVIDP
;
A,C,E,G
2 'polypeptide(L)'
;MAQVQLVESGGGLAQPGGSLRLSCAASGSTISSVAVGWYRQTPGNQREWVATSSTSSTTATYADSVKGRFTISRDNAKNT
IYLQMNSLKPEDTAVYYCKTGLTNWGRGTQVTVSSGGLPETGGHHHHHH
;
B,D,F,H
#
loop_
_chem_comp.id
_chem_comp.type
_chem_comp.name
_chem_comp.formula
GOL non-polymer GLYCEROL 'C3 H8 O3'
#
# COMPACT_ATOMS: atom_id res chain seq x y z
N ILE A 1 -28.53 11.12 16.62
CA ILE A 1 -27.92 9.87 16.11
C ILE A 1 -28.22 8.64 16.97
N GLN A 2 -28.30 7.48 16.31
CA GLN A 2 -28.50 6.19 16.98
C GLN A 2 -27.19 5.68 17.55
N VAL A 3 -27.18 5.16 18.76
CA VAL A 3 -25.96 4.58 19.32
C VAL A 3 -26.20 3.13 19.76
N THR A 4 -25.44 2.21 19.16
CA THR A 4 -25.52 0.80 19.53
C THR A 4 -24.39 0.34 20.47
N GLN A 5 -24.74 -0.33 21.56
CA GLN A 5 -23.78 -1.02 22.42
C GLN A 5 -24.43 -2.31 22.96
N PRO A 6 -23.63 -3.31 23.35
CA PRO A 6 -24.21 -4.58 23.81
C PRO A 6 -25.01 -4.43 25.10
N SER A 7 -26.07 -5.21 25.24
CA SER A 7 -26.83 -5.24 26.49
C SER A 7 -25.98 -5.64 27.69
N VAL A 8 -25.20 -6.70 27.52
CA VAL A 8 -24.50 -7.34 28.62
C VAL A 8 -23.09 -7.76 28.24
N VAL A 9 -22.15 -7.56 29.16
CA VAL A 9 -20.76 -7.92 28.94
C VAL A 9 -20.13 -8.51 30.22
N LEU A 10 -19.39 -9.60 30.09
CA LEU A 10 -18.70 -10.15 31.25
C LEU A 10 -17.25 -9.65 31.34
N ALA A 11 -16.91 -9.05 32.48
CA ALA A 11 -15.53 -8.64 32.73
C ALA A 11 -14.67 -9.86 33.11
N SER A 12 -13.37 -9.76 32.83
CA SER A 12 -12.42 -10.83 33.13
C SER A 12 -12.14 -10.92 34.62
N SER A 13 -11.42 -11.98 35.01
CA SER A 13 -10.94 -12.11 36.39
C SER A 13 -10.00 -10.98 36.74
N HIS A 14 -9.22 -10.56 35.74
CA HIS A 14 -8.27 -9.45 35.87
C HIS A 14 -8.98 -8.10 36.03
N GLY A 15 -10.30 -8.08 35.83
CA GLY A 15 -11.09 -6.86 35.94
C GLY A 15 -11.16 -6.06 34.65
N VAL A 16 -11.08 -6.76 33.52
CA VAL A 16 -11.09 -6.11 32.21
C VAL A 16 -12.37 -6.46 31.47
N ALA A 17 -13.03 -5.44 30.92
CA ALA A 17 -14.19 -5.66 30.06
C ALA A 17 -14.08 -4.85 28.77
N SER A 18 -14.43 -5.49 27.66
CA SER A 18 -14.44 -4.81 26.37
C SER A 18 -15.83 -4.86 25.76
N PHE A 19 -16.21 -3.77 25.11
CA PHE A 19 -17.44 -3.72 24.31
C PHE A 19 -17.39 -2.59 23.28
N PRO A 20 -18.01 -2.82 22.11
CA PRO A 20 -18.03 -1.76 21.10
C PRO A 20 -19.17 -0.78 21.31
N CYS A 21 -18.93 0.44 20.84
CA CYS A 21 -19.93 1.48 20.78
C CYS A 21 -19.94 2.02 19.35
N GLU A 22 -21.08 1.89 18.69
CA GLU A 22 -21.18 2.29 17.31
C GLU A 22 -22.35 3.21 17.10
N TYR A 23 -22.17 4.21 16.24
CA TYR A 23 -23.24 5.13 15.96
C TYR A 23 -23.58 5.15 14.48
N SER A 24 -24.73 5.74 14.15
CA SER A 24 -25.23 5.83 12.79
C SER A 24 -26.32 6.88 12.78
N PRO A 25 -26.54 7.54 11.63
CA PRO A 25 -25.71 7.40 10.42
C PRO A 25 -24.34 8.03 10.61
N SER A 26 -23.43 7.76 9.68
CA SER A 26 -22.06 8.21 9.84
C SER A 26 -21.88 9.61 9.28
N HIS A 27 -22.53 10.57 9.93
CA HIS A 27 -22.50 11.97 9.50
C HIS A 27 -21.08 12.46 9.41
N ASN A 28 -20.86 13.38 8.49
CA ASN A 28 -19.62 14.11 8.42
C ASN A 28 -19.24 14.72 9.75
N THR A 29 -18.00 14.51 10.15
CA THR A 29 -17.44 15.16 11.33
C THR A 29 -15.93 15.09 11.30
N ASP A 30 -15.26 15.94 12.09
CA ASP A 30 -13.81 15.91 12.20
C ASP A 30 -13.36 15.68 13.65
N GLU A 31 -14.34 15.49 14.53
CA GLU A 31 -14.05 15.47 15.95
C GLU A 31 -15.17 14.71 16.64
N VAL A 32 -14.85 13.52 17.14
CA VAL A 32 -15.87 12.71 17.81
C VAL A 32 -15.52 12.56 19.28
N ARG A 33 -16.38 13.07 20.17
CA ARG A 33 -16.16 12.82 21.60
C ARG A 33 -17.00 11.64 22.11
N VAL A 34 -16.31 10.68 22.71
CA VAL A 34 -16.94 9.51 23.30
C VAL A 34 -16.82 9.62 24.80
N THR A 35 -17.95 9.60 25.49
CA THR A 35 -17.94 9.61 26.93
C THR A 35 -18.54 8.32 27.46
N VAL A 36 -17.86 7.71 28.43
CA VAL A 36 -18.37 6.52 29.09
C VAL A 36 -18.93 6.96 30.44
N LEU A 37 -20.17 6.61 30.71
CA LEU A 37 -20.82 7.03 31.94
C LEU A 37 -21.33 5.80 32.68
N ARG A 38 -21.30 5.84 34.00
CA ARG A 38 -21.94 4.80 34.80
C ARG A 38 -23.23 5.32 35.42
N GLN A 39 -24.31 4.55 35.27
CA GLN A 39 -25.59 4.87 35.88
C GLN A 39 -25.62 4.33 37.30
N THR A 40 -25.75 5.22 38.28
CA THR A 40 -25.82 4.82 39.68
C THR A 40 -26.98 5.48 40.39
N ASN A 41 -28.13 4.79 40.40
CA ASN A 41 -29.31 5.23 41.13
C ASN A 41 -29.60 6.71 41.00
N ASP A 42 -30.12 7.08 39.83
CA ASP A 42 -30.51 8.45 39.45
C ASP A 42 -29.35 9.32 38.91
N GLN A 43 -28.14 9.06 39.38
CA GLN A 43 -26.98 9.86 38.96
C GLN A 43 -26.21 9.21 37.81
N MET A 44 -25.77 10.01 36.87
CA MET A 44 -24.88 9.53 35.82
C MET A 44 -23.50 10.15 36.02
N THR A 45 -22.53 9.33 36.41
CA THR A 45 -21.16 9.80 36.63
C THR A 45 -20.20 9.40 35.50
N GLU A 46 -19.29 10.30 35.17
CA GLU A 46 -18.35 10.07 34.07
C GLU A 46 -17.25 9.08 34.47
N VAL A 47 -17.11 8.00 33.70
CA VAL A 47 -15.99 7.10 33.89
C VAL A 47 -14.73 7.62 33.14
N CYS A 48 -14.84 7.82 31.83
CA CYS A 48 -13.73 8.36 31.03
C CYS A 48 -14.24 8.99 29.74
N ALA A 49 -13.47 9.89 29.13
CA ALA A 49 -13.89 10.50 27.87
C ALA A 49 -12.69 10.87 27.02
N THR A 50 -12.86 10.81 25.70
CA THR A 50 -11.80 11.20 24.81
C THR A 50 -12.36 11.84 23.53
N THR A 51 -11.46 12.37 22.74
CA THR A 51 -11.84 12.99 21.48
C THR A 51 -11.06 12.31 20.39
N PHE A 52 -11.75 11.69 19.43
CA PHE A 52 -11.08 11.06 18.29
C PHE A 52 -11.07 11.99 17.07
N THR A 53 -9.96 12.02 16.35
CA THR A 53 -9.88 12.72 15.06
C THR A 53 -9.29 11.77 14.02
N GLU A 54 -9.23 12.22 12.77
CA GLU A 54 -8.64 11.42 11.71
C GLU A 54 -7.23 10.92 12.04
N LYS A 55 -6.43 11.75 12.70
CA LYS A 55 -5.08 11.32 13.00
C LYS A 55 -4.96 10.59 14.33
N ASN A 56 -5.85 10.91 15.27
CA ASN A 56 -5.85 10.23 16.58
C ASN A 56 -6.99 9.24 16.73
N THR A 57 -6.74 8.00 16.34
CA THR A 57 -7.80 6.97 16.36
C THR A 57 -7.68 6.16 17.66
N VAL A 58 -6.53 6.29 18.33
CA VAL A 58 -6.27 5.65 19.62
C VAL A 58 -6.42 6.67 20.76
N GLY A 59 -7.45 6.47 21.58
CA GLY A 59 -7.82 7.44 22.60
C GLY A 59 -7.67 6.96 24.04
N PHE A 60 -8.13 7.79 24.97
CA PHE A 60 -7.97 7.57 26.41
C PHE A 60 -6.51 7.43 26.90
N LEU A 61 -5.60 8.05 26.16
CA LEU A 61 -4.18 8.01 26.50
C LEU A 61 -3.89 8.61 27.87
N ASP A 62 -4.79 9.47 28.34
CA ASP A 62 -4.61 10.11 29.64
C ASP A 62 -5.26 9.34 30.78
N TYR A 63 -5.81 8.16 30.48
CA TYR A 63 -6.38 7.30 31.51
C TYR A 63 -5.63 5.98 31.60
N PRO A 64 -5.30 5.56 32.83
CA PRO A 64 -4.75 4.24 33.13
C PRO A 64 -5.75 3.11 32.94
N PHE A 65 -7.04 3.38 33.12
CA PHE A 65 -8.02 2.29 33.24
C PHE A 65 -9.03 2.26 32.11
N CYS A 66 -8.82 3.09 31.09
CA CYS A 66 -9.70 3.15 29.93
C CYS A 66 -8.87 3.15 28.66
N SER A 67 -9.27 2.32 27.69
CA SER A 67 -8.64 2.33 26.36
C SER A 67 -9.72 2.37 25.27
N GLY A 68 -9.36 2.86 24.09
CA GLY A 68 -10.30 2.97 23.00
C GLY A 68 -9.65 3.28 21.66
N THR A 69 -10.04 2.51 20.65
CA THR A 69 -9.62 2.76 19.28
C THR A 69 -10.86 3.11 18.45
N PHE A 70 -10.74 4.06 17.53
CA PHE A 70 -11.91 4.48 16.75
C PHE A 70 -11.70 4.17 15.28
N ASN A 71 -12.73 3.64 14.64
CA ASN A 71 -12.67 3.31 13.23
C ASN A 71 -14.09 3.32 12.64
N GLU A 72 -14.23 3.86 11.42
CA GLU A 72 -15.53 4.00 10.76
C GLU A 72 -16.47 4.89 11.58
N SER A 73 -17.36 4.25 12.34
CA SER A 73 -18.18 4.99 13.29
C SER A 73 -18.26 4.15 14.55
N ARG A 74 -17.20 3.40 14.82
CA ARG A 74 -17.19 2.44 15.91
C ARG A 74 -15.98 2.59 16.85
N VAL A 75 -16.25 2.83 18.13
CA VAL A 75 -15.22 2.80 19.15
C VAL A 75 -15.21 1.46 19.84
N ASN A 76 -14.06 0.80 19.85
CA ASN A 76 -13.91 -0.37 20.69
C ASN A 76 -13.30 -0.02 22.05
N LEU A 77 -14.13 -0.12 23.08
CA LEU A 77 -13.80 0.34 24.41
C LEU A 77 -13.30 -0.81 25.29
N THR A 78 -12.37 -0.49 26.18
CA THR A 78 -11.88 -1.44 27.17
C THR A 78 -11.71 -0.73 28.52
N ILE A 79 -12.47 -1.19 29.52
CA ILE A 79 -12.34 -0.69 30.87
C ILE A 79 -11.56 -1.67 31.74
N GLN A 80 -10.62 -1.15 32.52
CA GLN A 80 -9.79 -1.98 33.38
C GLN A 80 -10.01 -1.64 34.86
N GLY A 81 -9.42 -2.45 35.73
CA GLY A 81 -9.56 -2.28 37.17
C GLY A 81 -10.98 -2.38 37.69
N LEU A 82 -11.82 -3.13 36.99
CA LEU A 82 -13.20 -3.38 37.44
C LEU A 82 -13.23 -4.33 38.63
N ARG A 83 -14.08 -4.03 39.61
CA ARG A 83 -14.27 -4.87 40.79
C ARG A 83 -15.69 -5.41 40.79
N ALA A 84 -15.96 -6.37 41.67
CA ALA A 84 -17.30 -6.95 41.78
C ALA A 84 -18.31 -5.84 42.00
N VAL A 85 -17.96 -4.89 42.87
CA VAL A 85 -18.86 -3.78 43.21
C VAL A 85 -19.06 -2.82 42.03
N ASP A 86 -18.23 -2.97 41.00
CA ASP A 86 -18.32 -2.11 39.82
C ASP A 86 -19.34 -2.66 38.82
N THR A 87 -19.99 -3.74 39.21
CA THR A 87 -21.12 -4.27 38.45
C THR A 87 -22.16 -3.18 38.27
N GLY A 88 -22.50 -2.87 37.02
CA GLY A 88 -23.48 -1.82 36.78
C GLY A 88 -23.67 -1.46 35.32
N LEU A 89 -24.41 -0.38 35.07
CA LEU A 89 -24.80 0.00 33.70
C LEU A 89 -23.91 1.12 33.14
N TYR A 90 -23.24 0.81 32.03
CA TYR A 90 -22.27 1.73 31.45
C TYR A 90 -22.74 2.26 30.10
N LEU A 91 -22.95 3.58 30.05
CA LEU A 91 -23.56 4.21 28.91
C LEU A 91 -22.50 4.85 28.02
N CYS A 92 -22.64 4.60 26.73
CA CYS A 92 -21.78 5.23 25.73
C CYS A 92 -22.48 6.44 25.12
N LYS A 93 -21.91 7.62 25.38
CA LYS A 93 -22.41 8.84 24.81
C LYS A 93 -21.49 9.27 23.66
N VAL A 94 -22.09 9.54 22.50
CA VAL A 94 -21.33 9.93 21.32
C VAL A 94 -21.73 11.33 20.86
N GLU A 95 -20.72 12.19 20.68
CA GLU A 95 -20.97 13.53 20.18
C GLU A 95 -20.13 13.84 18.95
N LEU A 96 -20.79 14.33 17.89
CA LEU A 96 -20.09 14.79 16.69
C LEU A 96 -19.89 16.29 16.84
N MET A 97 -18.66 16.70 17.17
CA MET A 97 -18.38 18.02 17.73
C MET A 97 -18.07 19.14 16.73
N TYR A 98 -17.55 18.79 15.56
CA TYR A 98 -17.19 19.79 14.55
C TYR A 98 -16.98 19.08 13.22
N PRO A 99 -17.42 19.70 12.10
CA PRO A 99 -18.07 21.00 12.01
C PRO A 99 -19.58 20.91 12.25
N PRO A 100 -20.27 22.06 12.38
CA PRO A 100 -21.74 22.04 12.39
C PRO A 100 -22.29 21.18 11.25
N PRO A 101 -23.40 20.47 11.48
CA PRO A 101 -24.14 20.48 12.74
C PRO A 101 -23.61 19.51 13.79
N TYR A 102 -23.87 19.89 15.03
CA TYR A 102 -23.60 19.04 16.18
C TYR A 102 -24.62 17.91 16.17
N PHE A 103 -24.17 16.69 16.47
CA PHE A 103 -25.08 15.58 16.77
C PHE A 103 -24.67 14.92 18.10
N VAL A 104 -25.66 14.43 18.84
CA VAL A 104 -25.40 13.74 20.09
C VAL A 104 -26.33 12.53 20.17
N GLY A 105 -25.80 11.41 20.61
CA GLY A 105 -26.61 10.23 20.87
C GLY A 105 -26.12 9.50 22.11
N MET A 106 -27.03 8.78 22.75
CA MET A 106 -26.72 8.04 23.96
C MET A 106 -27.12 6.57 23.78
N GLY A 107 -26.17 5.65 23.97
CA GLY A 107 -26.46 4.23 23.91
C GLY A 107 -27.42 3.80 25.03
N ASN A 108 -28.00 2.61 24.91
CA ASN A 108 -28.94 2.09 25.93
C ASN A 108 -28.21 1.66 27.21
N GLY A 109 -26.91 1.43 27.08
CA GLY A 109 -26.11 1.05 28.21
C GLY A 109 -25.70 -0.40 28.11
N THR A 110 -24.48 -0.68 28.56
CA THR A 110 -24.00 -2.04 28.63
C THR A 110 -23.92 -2.44 30.10
N GLN A 111 -24.64 -3.48 30.47
CA GLN A 111 -24.53 -4.01 31.83
C GLN A 111 -23.22 -4.79 31.96
N ILE A 112 -22.40 -4.41 32.92
CA ILE A 112 -21.13 -5.11 33.12
C ILE A 112 -21.11 -5.93 34.41
N TYR A 113 -21.03 -7.25 34.27
CA TYR A 113 -20.92 -8.13 35.42
C TYR A 113 -19.48 -8.52 35.62
N VAL A 114 -19.02 -8.41 36.85
CA VAL A 114 -17.63 -8.72 37.13
C VAL A 114 -17.43 -10.04 37.89
N ILE A 115 -16.77 -10.99 37.23
CA ILE A 115 -16.48 -12.29 37.82
C ILE A 115 -15.51 -12.18 39.00
N GLN B 3 -20.86 1.30 3.99
CA GLN B 3 -19.72 1.84 3.27
C GLN B 3 -20.14 2.59 2.00
N VAL B 4 -19.48 3.71 1.73
CA VAL B 4 -19.90 4.62 0.67
C VAL B 4 -18.70 5.25 -0.06
N GLN B 5 -18.62 5.04 -1.37
CA GLN B 5 -17.58 5.66 -2.19
C GLN B 5 -18.10 6.96 -2.81
N LEU B 6 -17.38 8.05 -2.53
CA LEU B 6 -17.74 9.37 -3.01
C LEU B 6 -16.89 9.81 -4.21
N VAL B 7 -17.55 10.33 -5.24
CA VAL B 7 -16.89 10.76 -6.47
C VAL B 7 -17.27 12.21 -6.77
N GLU B 8 -16.29 13.11 -6.75
CA GLU B 8 -16.52 14.50 -7.13
C GLU B 8 -16.38 14.75 -8.63
N SER B 9 -17.13 15.73 -9.14
CA SER B 9 -16.97 16.19 -10.50
C SER B 9 -17.59 17.56 -10.63
N GLY B 10 -17.45 18.17 -11.80
CA GLY B 10 -18.02 19.48 -12.04
C GLY B 10 -16.94 20.54 -11.93
N GLY B 11 -15.79 20.13 -11.45
CA GLY B 11 -14.65 21.03 -11.35
C GLY B 11 -14.22 21.52 -12.72
N GLY B 12 -13.29 22.46 -12.74
CA GLY B 12 -12.79 23.02 -13.99
C GLY B 12 -12.45 24.48 -13.75
N LEU B 13 -12.34 25.26 -14.82
CA LEU B 13 -12.00 26.66 -14.66
C LEU B 13 -13.23 27.55 -14.84
N ALA B 14 -13.34 28.54 -13.96
CA ALA B 14 -14.37 29.55 -14.11
C ALA B 14 -13.69 30.92 -14.04
N GLN B 15 -14.38 31.94 -14.54
CA GLN B 15 -13.90 33.30 -14.45
C GLN B 15 -14.31 33.87 -13.09
N PRO B 16 -13.62 34.93 -12.64
CA PRO B 16 -14.11 35.64 -11.45
C PRO B 16 -15.52 36.17 -11.67
N GLY B 17 -16.45 35.79 -10.80
CA GLY B 17 -17.84 36.20 -10.95
C GLY B 17 -18.71 35.09 -11.53
N GLY B 18 -18.08 33.97 -11.90
CA GLY B 18 -18.79 32.91 -12.58
C GLY B 18 -19.33 31.86 -11.64
N SER B 19 -19.98 30.84 -12.20
CA SER B 19 -20.54 29.77 -11.39
C SER B 19 -20.09 28.40 -11.88
N LEU B 20 -20.01 27.46 -10.95
CA LEU B 20 -19.75 26.06 -11.22
C LEU B 20 -20.68 25.24 -10.32
N ARG B 21 -21.19 24.13 -10.82
CA ARG B 21 -21.88 23.22 -9.91
C ARG B 21 -21.10 21.92 -9.74
N LEU B 22 -20.64 21.68 -8.52
CA LEU B 22 -19.90 20.45 -8.21
C LEU B 22 -20.85 19.34 -7.83
N SER B 23 -20.46 18.11 -8.14
CA SER B 23 -21.26 16.94 -7.81
C SER B 23 -20.48 15.97 -6.93
N CYS B 24 -21.14 15.46 -5.90
CA CYS B 24 -20.59 14.39 -5.08
C CYS B 24 -21.53 13.23 -5.22
N ALA B 25 -21.19 12.31 -6.13
CA ALA B 25 -22.00 11.13 -6.37
C ALA B 25 -21.48 9.97 -5.51
N ALA B 26 -22.41 9.30 -4.84
CA ALA B 26 -22.08 8.22 -3.92
C ALA B 26 -22.50 6.91 -4.54
N SER B 27 -21.70 5.87 -4.34
CA SER B 27 -22.11 4.52 -4.73
C SER B 27 -21.91 3.65 -3.50
N GLY B 28 -22.19 2.35 -3.61
CA GLY B 28 -22.18 1.46 -2.45
C GLY B 28 -23.52 1.40 -1.73
N SER B 29 -23.73 2.35 -0.83
CA SER B 29 -25.02 2.47 -0.18
C SER B 29 -25.51 3.90 -0.41
N THR B 30 -26.63 4.24 0.21
CA THR B 30 -27.23 5.56 0.04
C THR B 30 -26.65 6.60 0.99
N ILE B 31 -26.54 7.86 0.53
CA ILE B 31 -26.23 8.95 1.45
C ILE B 31 -27.48 9.79 1.78
N SER B 32 -28.67 9.27 1.49
CA SER B 32 -29.90 10.03 1.68
C SER B 32 -30.08 10.54 3.11
N SER B 33 -29.52 9.82 4.07
CA SER B 33 -29.72 10.13 5.46
C SER B 33 -28.44 10.60 6.16
N VAL B 34 -27.37 10.76 5.39
CA VAL B 34 -26.06 11.10 5.96
C VAL B 34 -25.68 12.56 5.69
N ALA B 35 -25.25 13.28 6.72
CA ALA B 35 -24.71 14.62 6.53
C ALA B 35 -23.41 14.50 5.72
N VAL B 36 -23.36 15.14 4.55
CA VAL B 36 -22.19 15.05 3.71
C VAL B 36 -21.45 16.38 3.70
N GLY B 37 -20.15 16.34 4.01
CA GLY B 37 -19.39 17.57 4.10
C GLY B 37 -18.65 17.87 2.81
N TRP B 38 -18.46 19.16 2.55
CA TRP B 38 -17.60 19.65 1.47
C TRP B 38 -16.39 20.36 2.05
N TYR B 39 -15.23 20.09 1.47
CA TYR B 39 -13.98 20.64 1.97
C TYR B 39 -13.22 21.16 0.78
N ARG B 40 -12.33 22.10 1.02
CA ARG B 40 -11.43 22.56 -0.01
C ARG B 40 -10.00 22.63 0.52
N GLN B 41 -9.05 22.38 -0.37
CA GLN B 41 -7.64 22.35 -0.03
C GLN B 41 -6.88 23.24 -1.01
N THR B 42 -6.24 24.29 -0.50
CA THR B 42 -5.37 25.11 -1.34
C THR B 42 -3.97 24.52 -1.28
N PRO B 43 -3.09 24.88 -2.24
CA PRO B 43 -1.71 24.38 -2.24
C PRO B 43 -0.99 24.56 -0.90
N GLY B 44 -0.59 23.45 -0.29
CA GLY B 44 0.24 23.51 0.89
C GLY B 44 -0.54 23.67 2.18
N ASN B 45 -1.86 23.58 2.10
CA ASN B 45 -2.70 23.70 3.29
C ASN B 45 -3.54 22.46 3.54
N GLN B 46 -4.18 22.42 4.70
CA GLN B 46 -5.02 21.27 5.02
C GLN B 46 -6.38 21.43 4.38
N ARG B 47 -7.05 20.29 4.17
CA ARG B 47 -8.43 20.28 3.75
C ARG B 47 -9.30 21.03 4.75
N GLU B 48 -10.11 21.95 4.26
CA GLU B 48 -10.80 22.88 5.14
C GLU B 48 -12.28 22.83 4.88
N TRP B 49 -13.06 22.75 5.96
CA TRP B 49 -14.50 22.61 5.86
C TRP B 49 -15.14 23.81 5.16
N VAL B 50 -16.04 23.51 4.24
CA VAL B 50 -16.74 24.53 3.49
C VAL B 50 -18.24 24.52 3.79
N ALA B 51 -18.85 23.34 3.80
CA ALA B 51 -20.30 23.21 4.01
C ALA B 51 -20.71 21.77 4.25
N THR B 52 -21.84 21.59 4.94
CA THR B 52 -22.40 20.26 5.14
C THR B 52 -23.86 20.23 4.72
N SER B 53 -24.28 19.15 4.08
CA SER B 53 -25.66 19.03 3.60
C SER B 53 -26.63 18.86 4.74
N SER B 54 -27.90 19.06 4.42
CA SER B 54 -28.98 18.82 5.35
C SER B 54 -29.12 17.33 5.65
N THR B 55 -29.88 17.01 6.69
CA THR B 55 -30.26 15.63 7.00
C THR B 55 -31.74 15.69 7.37
N SER B 56 -32.29 14.59 7.89
CA SER B 56 -33.71 14.56 8.26
C SER B 56 -34.05 15.56 9.35
N SER B 57 -33.06 15.86 10.20
CA SER B 57 -33.26 16.67 11.39
C SER B 57 -32.48 18.00 11.39
N THR B 58 -31.59 18.19 10.42
CA THR B 58 -30.75 19.39 10.43
C THR B 58 -30.76 20.10 9.09
N THR B 59 -30.63 21.42 9.14
CA THR B 59 -30.46 22.22 7.92
C THR B 59 -29.00 22.26 7.49
N ALA B 60 -28.78 22.60 6.22
CA ALA B 60 -27.45 22.75 5.67
C ALA B 60 -26.63 23.77 6.47
N THR B 61 -25.33 23.53 6.56
CA THR B 61 -24.45 24.44 7.27
C THR B 61 -23.33 24.91 6.36
N TYR B 62 -22.85 26.13 6.58
CA TYR B 62 -21.86 26.77 5.72
C TYR B 62 -20.77 27.50 6.51
N ALA B 63 -19.53 27.46 6.03
CA ALA B 63 -18.48 28.31 6.58
C ALA B 63 -18.76 29.75 6.18
N ASP B 64 -18.42 30.70 7.05
CA ASP B 64 -18.69 32.10 6.77
C ASP B 64 -17.96 32.65 5.54
N SER B 65 -16.94 31.95 5.07
CA SER B 65 -16.20 32.40 3.89
C SER B 65 -16.98 32.15 2.60
N VAL B 66 -17.95 31.25 2.64
CA VAL B 66 -18.74 30.92 1.47
C VAL B 66 -20.23 31.16 1.68
N LYS B 67 -20.60 31.60 2.89
CA LYS B 67 -22.00 31.78 3.23
C LYS B 67 -22.69 32.81 2.34
N GLY B 68 -23.75 32.37 1.67
CA GLY B 68 -24.51 33.24 0.78
C GLY B 68 -24.13 33.06 -0.66
N ARG B 69 -22.91 32.57 -0.90
CA ARG B 69 -22.44 32.36 -2.27
C ARG B 69 -22.61 30.91 -2.69
N PHE B 70 -22.48 29.99 -1.73
CA PHE B 70 -22.52 28.56 -2.00
C PHE B 70 -23.83 27.94 -1.50
N THR B 71 -24.35 26.96 -2.23
CA THR B 71 -25.57 26.28 -1.83
C THR B 71 -25.45 24.77 -2.01
N ILE B 72 -25.79 24.01 -0.97
CA ILE B 72 -25.82 22.55 -1.06
C ILE B 72 -27.23 22.04 -1.32
N SER B 73 -27.39 21.21 -2.33
CA SER B 73 -28.67 20.55 -2.56
C SER B 73 -28.51 19.03 -2.74
N ARG B 74 -29.60 18.31 -2.51
CA ARG B 74 -29.61 16.85 -2.63
C ARG B 74 -30.30 16.34 -3.88
N ASP B 75 -29.90 15.16 -4.33
CA ASP B 75 -30.59 14.45 -5.41
C ASP B 75 -30.59 12.97 -5.03
N ASN B 76 -31.47 12.61 -4.09
CA ASN B 76 -31.57 11.23 -3.60
C ASN B 76 -31.65 10.17 -4.71
N ALA B 77 -32.40 10.48 -5.76
CA ALA B 77 -32.57 9.54 -6.85
C ALA B 77 -31.24 9.22 -7.54
N LYS B 78 -30.35 10.21 -7.61
CA LYS B 78 -29.04 9.98 -8.17
C LYS B 78 -28.02 9.72 -7.08
N ASN B 79 -28.51 9.58 -5.84
CA ASN B 79 -27.66 9.34 -4.67
C ASN B 79 -26.46 10.31 -4.68
N THR B 80 -26.77 11.61 -4.79
CA THR B 80 -25.78 12.66 -5.08
C THR B 80 -26.07 13.92 -4.27
N ILE B 81 -25.01 14.65 -3.95
CA ILE B 81 -25.10 15.96 -3.30
C ILE B 81 -24.47 16.96 -4.27
N TYR B 82 -25.07 18.15 -4.38
CA TYR B 82 -24.52 19.18 -5.25
C TYR B 82 -24.05 20.37 -4.42
N LEU B 83 -22.93 20.95 -4.83
CA LEU B 83 -22.48 22.21 -4.27
C LEU B 83 -22.56 23.25 -5.39
N GLN B 84 -23.53 24.14 -5.28
CA GLN B 84 -23.68 25.25 -6.22
C GLN B 84 -22.78 26.40 -5.81
N MET B 85 -21.83 26.73 -6.68
CA MET B 85 -20.81 27.74 -6.36
C MET B 85 -20.99 28.99 -7.20
N ASN B 86 -21.62 30.00 -6.63
CA ASN B 86 -21.87 31.26 -7.33
C ASN B 86 -20.94 32.37 -6.89
N SER B 87 -20.85 33.40 -7.71
CA SER B 87 -20.05 34.58 -7.39
C SER B 87 -18.63 34.18 -7.00
N LEU B 88 -17.99 33.37 -7.84
CA LEU B 88 -16.67 32.83 -7.53
C LEU B 88 -15.57 33.89 -7.47
N LYS B 89 -14.58 33.64 -6.62
CA LYS B 89 -13.44 34.52 -6.44
C LYS B 89 -12.20 33.69 -6.74
N PRO B 90 -11.08 34.35 -7.10
CA PRO B 90 -9.82 33.62 -7.30
C PRO B 90 -9.44 32.79 -6.08
N GLU B 91 -9.78 33.28 -4.88
CA GLU B 91 -9.41 32.60 -3.64
C GLU B 91 -10.33 31.41 -3.32
N ASP B 92 -11.25 31.11 -4.24
CA ASP B 92 -12.06 29.92 -4.15
C ASP B 92 -11.34 28.79 -4.86
N THR B 93 -10.18 29.12 -5.45
CA THR B 93 -9.33 28.12 -6.12
C THR B 93 -8.82 27.10 -5.11
N ALA B 94 -9.00 25.82 -5.43
CA ALA B 94 -8.69 24.73 -4.52
C ALA B 94 -9.14 23.42 -5.13
N VAL B 95 -8.67 22.32 -4.56
CA VAL B 95 -9.24 21.02 -4.82
C VAL B 95 -10.38 20.81 -3.81
N TYR B 96 -11.57 20.46 -4.31
CA TYR B 96 -12.75 20.28 -3.47
C TYR B 96 -13.04 18.81 -3.22
N TYR B 97 -13.25 18.47 -1.95
CA TYR B 97 -13.55 17.09 -1.57
C TYR B 97 -14.91 17.04 -0.88
N CYS B 98 -15.66 15.98 -1.13
CA CYS B 98 -16.75 15.66 -0.21
C CYS B 98 -16.34 14.55 0.74
N LYS B 99 -16.97 14.49 1.90
CA LYS B 99 -16.62 13.51 2.93
C LYS B 99 -17.86 13.07 3.68
N THR B 100 -17.93 11.79 4.07
CA THR B 100 -18.83 11.36 5.15
C THR B 100 -17.99 10.79 6.27
N GLY B 101 -18.57 10.71 7.47
CA GLY B 101 -17.85 10.26 8.63
C GLY B 101 -16.59 11.07 8.87
N LEU B 102 -15.60 10.41 9.44
CA LEU B 102 -14.40 11.08 9.88
C LEU B 102 -13.37 11.12 8.76
N THR B 103 -13.35 10.06 7.95
CA THR B 103 -12.24 9.85 7.00
C THR B 103 -12.68 9.34 5.62
N ASN B 104 -13.98 9.33 5.35
CA ASN B 104 -14.40 8.81 4.06
C ASN B 104 -14.41 9.90 2.98
N TRP B 105 -13.21 10.34 2.60
CA TRP B 105 -13.00 11.32 1.55
C TRP B 105 -13.28 10.77 0.15
N GLY B 106 -13.83 11.63 -0.72
CA GLY B 106 -13.83 11.37 -2.16
C GLY B 106 -12.44 11.60 -2.77
N ARG B 107 -12.34 11.60 -4.09
CA ARG B 107 -11.04 11.74 -4.74
C ARG B 107 -10.64 13.20 -4.96
N GLY B 108 -11.58 14.12 -4.78
CA GLY B 108 -11.33 15.54 -4.95
C GLY B 108 -11.39 15.99 -6.42
N THR B 109 -11.88 17.20 -6.66
CA THR B 109 -11.89 17.77 -7.99
C THR B 109 -11.34 19.20 -7.97
N GLN B 110 -10.44 19.50 -8.90
CA GLN B 110 -9.80 20.81 -8.94
C GLN B 110 -10.75 21.90 -9.45
N VAL B 111 -10.81 23.02 -8.74
CA VAL B 111 -11.55 24.19 -9.22
C VAL B 111 -10.57 25.35 -9.37
N THR B 112 -10.53 25.95 -10.55
CA THR B 112 -9.60 27.04 -10.79
C THR B 112 -10.34 28.30 -11.23
N VAL B 113 -10.20 29.37 -10.45
CA VAL B 113 -10.75 30.67 -10.84
C VAL B 113 -9.60 31.62 -11.18
N SER B 114 -9.56 32.08 -12.45
CA SER B 114 -8.47 32.91 -12.97
C SER B 114 -8.22 34.20 -12.17
N ILE C 1 9.56 20.62 -8.81
CA ILE C 1 10.00 19.28 -9.18
C ILE C 1 9.93 19.06 -10.68
N GLN C 2 10.70 18.07 -11.15
CA GLN C 2 10.68 17.69 -12.55
C GLN C 2 9.91 16.40 -12.76
N VAL C 3 8.97 16.41 -13.69
CA VAL C 3 8.17 15.24 -13.97
C VAL C 3 8.59 14.66 -15.30
N THR C 4 8.84 13.36 -15.32
CA THR C 4 9.30 12.65 -16.51
C THR C 4 8.27 11.60 -16.93
N GLN C 5 7.97 11.52 -18.22
CA GLN C 5 7.11 10.48 -18.78
C GLN C 5 7.63 10.18 -20.18
N PRO C 6 7.39 8.96 -20.68
CA PRO C 6 7.87 8.58 -22.03
C PRO C 6 7.22 9.46 -23.10
N SER C 7 7.94 9.78 -24.17
CA SER C 7 7.37 10.66 -25.17
C SER C 7 6.30 9.92 -25.97
N VAL C 8 6.52 8.62 -26.16
CA VAL C 8 5.63 7.80 -26.95
C VAL C 8 5.37 6.49 -26.25
N VAL C 9 4.11 6.06 -26.26
CA VAL C 9 3.71 4.80 -25.63
C VAL C 9 2.81 4.03 -26.58
N LEU C 10 2.95 2.71 -26.60
CA LEU C 10 2.10 1.84 -27.39
C LEU C 10 1.00 1.24 -26.53
N ALA C 11 -0.25 1.32 -26.99
CA ALA C 11 -1.35 0.68 -26.28
C ALA C 11 -1.63 -0.68 -26.88
N SER C 12 -2.10 -1.61 -26.05
CA SER C 12 -2.51 -2.93 -26.54
C SER C 12 -3.64 -2.77 -27.56
N SER C 13 -4.02 -3.86 -28.20
CA SER C 13 -5.12 -3.81 -29.14
C SER C 13 -6.45 -3.47 -28.45
N HIS C 14 -6.52 -3.75 -27.16
CA HIS C 14 -7.74 -3.56 -26.39
C HIS C 14 -7.84 -2.16 -25.81
N GLY C 15 -6.87 -1.33 -26.15
CA GLY C 15 -6.85 0.05 -25.69
C GLY C 15 -6.30 0.21 -24.28
N VAL C 16 -5.31 -0.61 -23.94
CA VAL C 16 -4.66 -0.45 -22.65
C VAL C 16 -3.21 -0.02 -22.87
N ALA C 17 -2.86 1.14 -22.33
CA ALA C 17 -1.48 1.60 -22.34
C ALA C 17 -1.01 1.72 -20.90
N SER C 18 0.22 1.29 -20.64
CA SER C 18 0.78 1.37 -19.30
C SER C 18 2.11 2.11 -19.38
N PHE C 19 2.31 3.08 -18.49
CA PHE C 19 3.53 3.88 -18.57
C PHE C 19 3.85 4.62 -17.26
N PRO C 20 5.14 4.85 -16.99
CA PRO C 20 5.53 5.50 -15.74
C PRO C 20 5.51 7.02 -15.81
N CYS C 21 5.19 7.62 -14.67
CA CYS C 21 5.33 9.05 -14.50
C CYS C 21 6.16 9.18 -13.23
N GLU C 22 7.35 9.74 -13.39
CA GLU C 22 8.35 9.80 -12.32
C GLU C 22 8.72 11.24 -12.02
N TYR C 23 8.86 11.59 -10.75
CA TYR C 23 9.37 12.92 -10.43
C TYR C 23 10.60 12.90 -9.53
N SER C 24 11.24 14.06 -9.43
CA SER C 24 12.43 14.26 -8.62
C SER C 24 12.61 15.76 -8.38
N PRO C 25 13.20 16.13 -7.24
CA PRO C 25 13.63 15.20 -6.18
C PRO C 25 12.46 14.66 -5.34
N SER C 26 12.72 13.61 -4.57
CA SER C 26 11.71 12.98 -3.73
C SER C 26 11.45 13.75 -2.44
N HIS C 27 10.98 14.99 -2.56
CA HIS C 27 10.74 15.83 -1.38
C HIS C 27 9.80 15.15 -0.38
N ASN C 28 9.98 15.47 0.89
CA ASN C 28 9.01 15.07 1.88
C ASN C 28 7.61 15.51 1.48
N THR C 29 6.65 14.59 1.62
CA THR C 29 5.25 14.86 1.35
C THR C 29 4.42 13.73 1.94
N ASP C 30 3.13 13.99 2.11
CA ASP C 30 2.20 12.99 2.64
C ASP C 30 1.03 12.78 1.68
N GLU C 31 0.87 13.71 0.74
CA GLU C 31 -0.25 13.67 -0.21
C GLU C 31 0.25 14.01 -1.60
N VAL C 32 0.43 13.00 -2.44
CA VAL C 32 0.86 13.22 -3.81
C VAL C 32 -0.36 13.14 -4.71
N ARG C 33 -0.82 14.27 -5.23
CA ARG C 33 -1.94 14.23 -6.17
C ARG C 33 -1.46 14.12 -7.59
N VAL C 34 -1.88 13.06 -8.26
CA VAL C 34 -1.55 12.86 -9.66
C VAL C 34 -2.76 13.12 -10.53
N THR C 35 -2.63 14.02 -11.49
CA THR C 35 -3.72 14.32 -12.43
C THR C 35 -3.30 14.02 -13.87
N VAL C 36 -4.07 13.17 -14.54
CA VAL C 36 -3.77 12.89 -15.95
C VAL C 36 -4.60 13.81 -16.80
N LEU C 37 -3.95 14.48 -17.73
CA LEU C 37 -4.64 15.44 -18.57
C LEU C 37 -4.50 15.05 -20.02
N ARG C 38 -5.56 15.23 -20.81
CA ARG C 38 -5.45 15.01 -22.23
C ARG C 38 -5.34 16.35 -22.90
N GLN C 39 -4.27 16.57 -23.64
CA GLN C 39 -4.06 17.84 -24.33
C GLN C 39 -4.44 17.70 -25.80
N THR C 40 -5.41 18.50 -26.22
CA THR C 40 -5.73 18.57 -27.63
C THR C 40 -5.51 20.01 -28.11
N ASN C 41 -4.37 20.21 -28.78
CA ASN C 41 -3.95 21.52 -29.24
C ASN C 41 -3.80 22.47 -28.06
N ASP C 42 -4.67 23.48 -27.97
CA ASP C 42 -4.62 24.43 -26.86
C ASP C 42 -5.49 24.04 -25.67
N GLN C 43 -6.31 23.00 -25.82
CA GLN C 43 -7.24 22.58 -24.76
C GLN C 43 -6.68 21.46 -23.88
N MET C 44 -6.92 21.53 -22.59
CA MET C 44 -6.52 20.47 -21.69
C MET C 44 -7.71 19.99 -20.89
N THR C 45 -8.07 18.73 -21.08
CA THR C 45 -9.17 18.14 -20.32
C THR C 45 -8.63 17.10 -19.34
N GLU C 46 -9.16 17.13 -18.13
CA GLU C 46 -8.80 16.13 -17.12
C GLU C 46 -9.33 14.71 -17.45
N VAL C 47 -8.42 13.75 -17.48
CA VAL C 47 -8.82 12.37 -17.70
C VAL C 47 -9.17 11.71 -16.36
N CYS C 48 -8.23 11.78 -15.41
CA CYS C 48 -8.44 11.20 -14.08
C CYS C 48 -7.50 11.80 -13.04
N ALA C 49 -7.90 11.73 -11.78
CA ALA C 49 -7.05 12.22 -10.71
C ALA C 49 -7.16 11.32 -9.48
N THR C 50 -6.12 11.33 -8.66
CA THR C 50 -6.10 10.52 -7.45
C THR C 50 -5.06 11.12 -6.51
N THR C 51 -5.26 10.91 -5.22
CA THR C 51 -4.26 11.32 -4.25
C THR C 51 -3.61 10.08 -3.65
N PHE C 52 -2.30 9.96 -3.78
CA PHE C 52 -1.57 8.86 -3.16
C PHE C 52 -1.09 9.25 -1.77
N THR C 53 -1.32 8.37 -0.80
CA THR C 53 -0.82 8.55 0.55
C THR C 53 -0.10 7.28 0.98
N GLU C 54 0.50 7.28 2.16
CA GLU C 54 1.21 6.10 2.64
C GLU C 54 0.27 4.91 2.79
N LYS C 55 -0.98 5.20 3.19
CA LYS C 55 -1.99 4.16 3.38
C LYS C 55 -2.64 3.75 2.05
N ASN C 56 -2.81 4.71 1.15
CA ASN C 56 -3.45 4.46 -0.14
C ASN C 56 -2.47 4.55 -1.31
N THR C 57 -1.84 3.42 -1.62
CA THR C 57 -0.88 3.34 -2.72
C THR C 57 -1.63 2.91 -3.97
N VAL C 58 -2.89 2.51 -3.80
CA VAL C 58 -3.77 2.20 -4.91
C VAL C 58 -4.61 3.43 -5.27
N GLY C 59 -4.64 3.78 -6.55
CA GLY C 59 -5.28 5.02 -6.97
C GLY C 59 -6.27 4.87 -8.11
N PHE C 60 -7.09 5.90 -8.31
CA PHE C 60 -8.04 5.98 -9.42
C PHE C 60 -9.09 4.89 -9.33
N LEU C 61 -9.42 4.47 -8.11
CA LEU C 61 -10.19 3.25 -7.93
C LEU C 61 -11.60 3.33 -8.50
N ASP C 62 -12.16 4.53 -8.59
CA ASP C 62 -13.54 4.67 -9.08
C ASP C 62 -13.59 4.91 -10.59
N TYR C 63 -12.44 5.17 -11.18
CA TYR C 63 -12.35 5.26 -12.64
C TYR C 63 -12.32 3.88 -13.25
N PRO C 64 -13.24 3.65 -14.19
CA PRO C 64 -13.19 2.42 -14.99
C PRO C 64 -12.12 2.51 -16.07
N PHE C 65 -11.61 3.72 -16.32
CA PHE C 65 -10.63 3.86 -17.39
C PHE C 65 -9.20 4.16 -16.92
N CYS C 66 -9.04 4.54 -15.65
CA CYS C 66 -7.71 4.78 -15.08
C CYS C 66 -7.44 3.86 -13.90
N SER C 67 -6.18 3.47 -13.74
CA SER C 67 -5.71 2.80 -12.52
C SER C 67 -4.26 3.25 -12.28
N GLY C 68 -3.76 3.09 -11.06
CA GLY C 68 -2.38 3.46 -10.79
C GLY C 68 -1.88 3.01 -9.42
N THR C 69 -0.62 2.60 -9.38
CA THR C 69 0.04 2.34 -8.11
C THR C 69 1.22 3.29 -7.95
N PHE C 70 1.54 3.62 -6.69
CA PHE C 70 2.62 4.57 -6.40
C PHE C 70 3.75 3.94 -5.57
N ASN C 71 4.98 4.17 -6.00
CA ASN C 71 6.13 3.67 -5.26
C ASN C 71 7.32 4.64 -5.34
N GLU C 72 7.82 5.04 -4.19
CA GLU C 72 9.00 5.92 -4.06
C GLU C 72 8.74 7.31 -4.59
N SER C 73 8.89 7.48 -5.89
CA SER C 73 8.51 8.71 -6.55
C SER C 73 8.05 8.45 -7.98
N ARG C 74 7.46 7.27 -8.19
CA ARG C 74 7.07 6.82 -9.51
C ARG C 74 5.63 6.28 -9.52
N VAL C 75 4.81 6.82 -10.43
CA VAL C 75 3.47 6.28 -10.63
C VAL C 75 3.46 5.38 -11.85
N ASN C 76 3.04 4.14 -11.66
CA ASN C 76 2.77 3.26 -12.79
C ASN C 76 1.33 3.42 -13.18
N LEU C 77 1.10 4.11 -14.29
CA LEU C 77 -0.24 4.45 -14.72
C LEU C 77 -0.73 3.46 -15.74
N THR C 78 -2.02 3.15 -15.67
CA THR C 78 -2.68 2.39 -16.71
C THR C 78 -3.92 3.14 -17.18
N ILE C 79 -4.08 3.23 -18.48
CA ILE C 79 -5.26 3.85 -19.07
C ILE C 79 -5.95 2.83 -19.98
N GLN C 80 -7.25 2.63 -19.78
CA GLN C 80 -8.01 1.64 -20.53
C GLN C 80 -9.00 2.30 -21.48
N GLY C 81 -9.65 1.48 -22.31
CA GLY C 81 -10.63 1.94 -23.27
C GLY C 81 -10.12 2.95 -24.29
N LEU C 82 -8.84 2.90 -24.61
CA LEU C 82 -8.31 3.74 -25.67
C LEU C 82 -8.75 3.14 -26.99
N ARG C 83 -8.96 4.00 -27.98
CA ARG C 83 -9.38 3.56 -29.30
C ARG C 83 -8.45 4.21 -30.29
N ALA C 84 -8.46 3.78 -31.55
CA ALA C 84 -7.53 4.30 -32.56
C ALA C 84 -7.51 5.83 -32.65
N VAL C 85 -8.58 6.47 -32.18
CA VAL C 85 -8.71 7.92 -32.25
C VAL C 85 -8.67 8.61 -30.87
N ASP C 86 -8.46 7.83 -29.81
CA ASP C 86 -8.09 8.38 -28.49
C ASP C 86 -6.58 8.60 -28.48
N THR C 87 -6.00 8.49 -29.67
CA THR C 87 -4.57 8.58 -29.91
C THR C 87 -4.06 10.00 -29.80
N GLY C 88 -4.09 10.56 -28.59
CA GLY C 88 -3.66 11.92 -28.38
C GLY C 88 -2.56 12.08 -27.34
N LEU C 89 -2.49 13.27 -26.76
CA LEU C 89 -1.38 13.66 -25.91
C LEU C 89 -1.78 13.66 -24.42
N TYR C 90 -1.15 12.79 -23.63
CA TYR C 90 -1.55 12.60 -22.24
C TYR C 90 -0.46 13.14 -21.32
N LEU C 91 -0.82 14.11 -20.50
CA LEU C 91 0.14 14.81 -19.65
C LEU C 91 0.03 14.30 -18.22
N CYS C 92 1.17 14.10 -17.58
CA CYS C 92 1.22 13.77 -16.17
C CYS C 92 1.50 14.99 -15.27
N LYS C 93 0.54 15.33 -14.41
CA LYS C 93 0.71 16.44 -13.48
C LYS C 93 0.84 15.91 -12.04
N VAL C 94 1.94 16.25 -11.38
CA VAL C 94 2.21 15.77 -10.03
C VAL C 94 2.20 16.94 -9.05
N GLU C 95 1.46 16.81 -7.96
CA GLU C 95 1.47 17.86 -6.94
C GLU C 95 1.77 17.27 -5.59
N LEU C 96 2.79 17.80 -4.92
CA LEU C 96 3.05 17.40 -3.55
C LEU C 96 2.25 18.37 -2.70
N MET C 97 1.08 17.92 -2.25
CA MET C 97 0.03 18.83 -1.80
C MET C 97 0.24 19.30 -0.37
N TYR C 98 0.78 18.42 0.44
CA TYR C 98 0.80 18.64 1.86
C TYR C 98 1.84 17.67 2.42
N PRO C 99 2.60 18.10 3.44
CA PRO C 99 2.63 19.40 4.12
C PRO C 99 3.40 20.40 3.28
N PRO C 100 3.31 21.70 3.61
CA PRO C 100 4.15 22.69 2.91
C PRO C 100 5.61 22.30 3.11
N PRO C 101 6.48 22.60 2.13
CA PRO C 101 6.21 23.34 0.89
C PRO C 101 5.49 22.53 -0.19
N TYR C 102 4.53 23.20 -0.84
CA TYR C 102 3.87 22.68 -2.03
C TYR C 102 4.84 22.66 -3.20
N PHE C 103 4.84 21.59 -3.99
CA PHE C 103 5.59 21.57 -5.25
C PHE C 103 4.65 21.09 -6.36
N VAL C 104 4.77 21.65 -7.56
CA VAL C 104 4.01 21.13 -8.70
C VAL C 104 4.93 20.97 -9.90
N GLY C 105 4.66 19.95 -10.71
CA GLY C 105 5.41 19.69 -11.92
C GLY C 105 4.49 19.04 -12.94
N MET C 106 4.86 19.17 -14.20
CA MET C 106 4.05 18.64 -15.30
C MET C 106 5.02 17.95 -16.24
N GLY C 107 4.69 16.76 -16.72
CA GLY C 107 5.56 16.07 -17.66
C GLY C 107 5.39 16.65 -19.06
N ASN C 108 6.26 16.27 -20.01
CA ASN C 108 6.13 16.83 -21.36
C ASN C 108 5.01 16.17 -22.16
N GLY C 109 4.37 15.16 -21.59
CA GLY C 109 3.27 14.53 -22.27
C GLY C 109 3.67 13.26 -23.00
N THR C 110 2.69 12.36 -23.15
CA THR C 110 2.92 11.07 -23.76
C THR C 110 1.97 10.92 -24.94
N GLN C 111 2.51 10.66 -26.12
CA GLN C 111 1.65 10.32 -27.26
C GLN C 111 1.34 8.83 -27.18
N ILE C 112 0.06 8.47 -27.16
CA ILE C 112 -0.31 7.07 -27.12
C ILE C 112 -0.77 6.61 -28.50
N TYR C 113 -0.09 5.60 -29.02
CA TYR C 113 -0.44 5.01 -30.31
C TYR C 113 -1.13 3.67 -30.08
N VAL C 114 -2.35 3.52 -30.60
CA VAL C 114 -3.08 2.28 -30.46
C VAL C 114 -2.73 1.29 -31.57
N ILE C 115 -2.18 0.14 -31.17
CA ILE C 115 -1.78 -0.92 -32.10
C ILE C 115 -3.03 -1.49 -32.78
N ASP C 116 -2.87 -1.98 -34.01
CA ASP C 116 -3.97 -2.65 -34.72
C ASP C 116 -3.90 -4.17 -34.55
N VAL D 4 18.68 5.71 0.85
CA VAL D 4 18.94 6.75 1.82
C VAL D 4 18.20 6.48 3.13
N GLN D 5 18.97 6.18 4.18
CA GLN D 5 18.43 5.75 5.47
C GLN D 5 18.65 6.81 6.54
N LEU D 6 17.62 7.07 7.34
CA LEU D 6 17.65 8.14 8.35
C LEU D 6 17.70 7.63 9.79
N VAL D 7 18.48 8.30 10.64
CA VAL D 7 18.57 7.96 12.07
C VAL D 7 18.36 9.18 12.97
N GLU D 8 17.33 9.15 13.79
CA GLU D 8 17.07 10.25 14.72
C GLU D 8 17.78 10.03 16.04
N SER D 9 18.23 11.12 16.65
CA SER D 9 18.81 11.05 17.98
C SER D 9 18.64 12.37 18.70
N GLY D 10 18.90 12.37 20.00
CA GLY D 10 18.81 13.58 20.80
C GLY D 10 17.56 13.67 21.65
N GLY D 11 16.73 12.62 21.61
CA GLY D 11 15.52 12.63 22.43
C GLY D 11 15.86 12.51 23.90
N GLY D 12 14.92 12.91 24.76
CA GLY D 12 15.12 12.74 26.19
C GLY D 12 14.04 13.41 27.01
N LEU D 13 14.29 13.58 28.29
CA LEU D 13 13.35 14.24 29.19
C LEU D 13 13.65 15.73 29.33
N ALA D 14 12.65 16.55 29.08
CA ALA D 14 12.79 17.98 29.31
C ALA D 14 11.82 18.44 30.39
N GLN D 15 12.08 19.62 30.92
CA GLN D 15 11.14 20.28 31.82
C GLN D 15 10.34 21.24 30.94
N PRO D 16 9.06 21.47 31.29
CA PRO D 16 8.25 22.47 30.58
C PRO D 16 9.01 23.78 30.50
N GLY D 17 9.13 24.34 29.29
CA GLY D 17 9.88 25.57 29.10
C GLY D 17 11.33 25.32 28.76
N GLY D 18 11.70 24.04 28.67
CA GLY D 18 13.07 23.66 28.36
C GLY D 18 13.36 23.50 26.87
N SER D 19 14.62 23.19 26.57
CA SER D 19 15.05 23.02 25.18
C SER D 19 15.76 21.69 24.93
N LEU D 20 15.52 21.11 23.76
CA LEU D 20 16.21 19.91 23.28
C LEU D 20 16.57 20.16 21.82
N ARG D 21 17.54 19.42 21.31
CA ARG D 21 17.87 19.49 19.89
C ARG D 21 18.02 18.11 19.31
N LEU D 22 17.17 17.82 18.32
CA LEU D 22 17.13 16.53 17.67
C LEU D 22 17.98 16.53 16.42
N SER D 23 18.53 15.36 16.10
CA SER D 23 19.31 15.19 14.90
C SER D 23 18.68 14.12 14.04
N CYS D 24 18.69 14.35 12.74
CA CYS D 24 18.28 13.37 11.74
C CYS D 24 19.47 13.13 10.83
N ALA D 25 20.13 11.99 11.02
CA ALA D 25 21.34 11.65 10.27
C ALA D 25 21.03 10.75 9.08
N ALA D 26 21.37 11.22 7.88
CA ALA D 26 21.17 10.44 6.67
C ALA D 26 22.49 9.81 6.27
N SER D 27 22.43 8.74 5.47
CA SER D 27 23.64 8.02 5.10
C SER D 27 23.72 7.67 3.62
N GLY D 28 22.66 7.05 3.10
CA GLY D 28 22.62 6.54 1.73
C GLY D 28 23.26 7.43 0.68
N SER D 29 22.66 8.59 0.44
CA SER D 29 23.26 9.60 -0.41
C SER D 29 22.84 10.98 0.08
N THR D 30 23.31 12.03 -0.59
CA THR D 30 23.12 13.38 -0.08
C THR D 30 21.66 13.82 0.03
N ILE D 31 21.34 14.45 1.16
CA ILE D 31 19.99 14.91 1.44
C ILE D 31 19.82 16.42 1.33
N SER D 32 20.88 17.14 0.97
CA SER D 32 20.79 18.58 0.76
C SER D 32 19.86 18.94 -0.39
N SER D 33 19.50 17.94 -1.19
CA SER D 33 18.64 18.15 -2.36
C SER D 33 17.16 17.92 -2.08
N VAL D 34 16.84 17.05 -1.14
CA VAL D 34 15.44 16.79 -0.83
C VAL D 34 14.96 17.51 0.43
N ALA D 35 13.72 18.01 0.40
CA ALA D 35 13.06 18.53 1.60
C ALA D 35 12.92 17.37 2.59
N VAL D 36 13.17 17.64 3.85
CA VAL D 36 13.11 16.61 4.89
C VAL D 36 12.14 17.07 5.96
N GLY D 37 11.21 16.19 6.32
CA GLY D 37 10.22 16.54 7.31
C GLY D 37 10.49 15.94 8.67
N TRP D 38 10.11 16.67 9.71
CA TRP D 38 10.09 16.14 11.08
C TRP D 38 8.63 15.93 11.47
N TYR D 39 8.37 14.80 12.12
CA TYR D 39 7.02 14.38 12.48
C TYR D 39 6.99 13.95 13.95
N ARG D 40 5.80 13.91 14.54
CA ARG D 40 5.66 13.34 15.89
C ARG D 40 4.45 12.43 16.02
N GLN D 41 4.54 11.48 16.94
CA GLN D 41 3.55 10.43 17.04
C GLN D 41 3.31 10.14 18.50
N THR D 42 2.05 10.25 18.92
CA THR D 42 1.61 9.71 20.20
C THR D 42 1.30 8.23 19.99
N PRO D 43 1.40 7.42 21.06
CA PRO D 43 1.32 5.96 20.94
C PRO D 43 0.08 5.41 20.22
N GLY D 44 0.33 4.68 19.14
CA GLY D 44 -0.71 4.02 18.39
C GLY D 44 -1.27 4.88 17.28
N ASN D 45 -0.98 6.18 17.35
CA ASN D 45 -1.57 7.13 16.42
C ASN D 45 -0.76 7.40 15.16
N GLN D 46 -1.27 8.34 14.36
CA GLN D 46 -0.67 8.72 13.10
C GLN D 46 0.48 9.71 13.30
N ARG D 47 1.52 9.57 12.49
CA ARG D 47 2.64 10.51 12.55
C ARG D 47 2.24 11.89 11.99
N GLU D 48 2.37 12.91 12.85
CA GLU D 48 1.85 14.23 12.56
C GLU D 48 2.99 15.19 12.22
N TRP D 49 2.79 15.99 11.17
CA TRP D 49 3.83 16.89 10.67
C TRP D 49 4.17 17.99 11.65
N VAL D 50 5.47 18.23 11.82
CA VAL D 50 5.96 19.27 12.72
C VAL D 50 6.61 20.41 11.95
N ALA D 51 7.55 20.05 11.07
CA ALA D 51 8.33 21.01 10.30
C ALA D 51 9.02 20.31 9.14
N THR D 52 9.36 21.07 8.11
CA THR D 52 10.06 20.56 6.94
C THR D 52 11.20 21.51 6.62
N SER D 53 12.36 20.98 6.26
CA SER D 53 13.55 21.80 6.03
C SER D 53 13.43 22.64 4.78
N SER D 54 14.39 23.55 4.60
CA SER D 54 14.45 24.35 3.38
C SER D 54 14.92 23.50 2.19
N THR D 55 14.77 24.06 0.98
CA THR D 55 15.40 23.52 -0.21
C THR D 55 16.01 24.70 -0.93
N SER D 56 16.68 24.44 -2.07
CA SER D 56 17.29 25.51 -2.85
C SER D 56 16.26 26.54 -3.34
N SER D 57 14.99 26.16 -3.33
CA SER D 57 13.95 27.04 -3.88
C SER D 57 12.91 27.47 -2.84
N THR D 58 12.97 26.91 -1.63
CA THR D 58 11.93 27.12 -0.62
C THR D 58 12.46 27.26 0.80
N THR D 59 11.78 28.07 1.61
CA THR D 59 12.14 28.26 3.01
C THR D 59 11.52 27.18 3.92
N ALA D 60 12.11 27.02 5.10
CA ALA D 60 11.65 26.03 6.07
C ALA D 60 10.18 26.29 6.41
N THR D 61 9.41 25.22 6.57
CA THR D 61 8.00 25.38 6.94
C THR D 61 7.69 24.73 8.30
N TYR D 62 6.73 25.30 9.03
CA TYR D 62 6.44 24.88 10.39
C TYR D 62 4.94 24.74 10.65
N ALA D 63 4.57 23.67 11.35
CA ALA D 63 3.21 23.51 11.84
C ALA D 63 2.86 24.66 12.77
N ASP D 64 1.58 24.98 12.86
CA ASP D 64 1.16 26.15 13.61
C ASP D 64 1.42 26.03 15.11
N SER D 65 1.43 24.80 15.60
CA SER D 65 1.54 24.57 17.03
C SER D 65 2.99 24.66 17.51
N VAL D 66 3.94 24.62 16.58
CA VAL D 66 5.36 24.70 16.92
C VAL D 66 6.04 25.93 16.31
N LYS D 67 5.30 26.66 15.50
CA LYS D 67 5.81 27.89 14.88
C LYS D 67 6.35 28.84 15.94
N GLY D 68 7.57 29.34 15.73
CA GLY D 68 8.19 30.24 16.69
C GLY D 68 8.86 29.57 17.87
N ARG D 69 8.59 28.29 18.10
CA ARG D 69 9.23 27.54 19.19
C ARG D 69 10.31 26.62 18.62
N PHE D 70 9.94 25.85 17.60
CA PHE D 70 10.87 24.95 16.92
C PHE D 70 11.54 25.62 15.71
N THR D 71 12.74 25.15 15.37
CA THR D 71 13.49 25.64 14.20
C THR D 71 14.25 24.48 13.53
N ILE D 72 14.09 24.31 12.21
CA ILE D 72 14.87 23.29 11.47
C ILE D 72 16.00 23.94 10.72
N SER D 73 17.20 23.35 10.83
CA SER D 73 18.38 23.81 10.11
C SER D 73 19.10 22.63 9.45
N ARG D 74 19.93 22.92 8.47
CA ARG D 74 20.74 21.91 7.79
C ARG D 74 22.22 21.97 8.18
N ASP D 75 22.86 20.80 8.18
CA ASP D 75 24.31 20.69 8.22
C ASP D 75 24.70 19.67 7.15
N ASN D 76 24.98 20.16 5.95
CA ASN D 76 25.25 19.30 4.79
C ASN D 76 26.56 18.50 4.86
N ALA D 77 27.53 19.00 5.61
CA ALA D 77 28.81 18.30 5.76
C ALA D 77 28.64 16.99 6.54
N LYS D 78 27.58 16.92 7.33
CA LYS D 78 27.30 15.73 8.13
C LYS D 78 26.08 14.96 7.60
N ASN D 79 25.52 15.44 6.49
CA ASN D 79 24.28 14.90 5.95
C ASN D 79 23.21 14.83 7.06
N THR D 80 23.03 15.94 7.76
CA THR D 80 22.19 15.96 8.95
C THR D 80 21.24 17.16 8.92
N ILE D 81 20.04 16.97 9.46
CA ILE D 81 19.07 18.02 9.65
C ILE D 81 18.90 18.16 11.16
N TYR D 82 18.78 19.39 11.65
CA TYR D 82 18.50 19.56 13.07
C TYR D 82 17.09 20.13 13.30
N LEU D 83 16.53 19.79 14.45
CA LEU D 83 15.31 20.41 14.96
C LEU D 83 15.59 20.96 16.35
N GLN D 84 15.78 22.27 16.47
CA GLN D 84 15.90 22.93 17.76
C GLN D 84 14.52 23.12 18.35
N MET D 85 14.29 22.53 19.52
CA MET D 85 12.98 22.63 20.14
C MET D 85 13.06 23.48 21.42
N ASN D 86 12.56 24.71 21.35
CA ASN D 86 12.52 25.58 22.52
C ASN D 86 11.13 25.64 23.15
N SER D 87 11.06 26.20 24.35
CA SER D 87 9.80 26.37 25.06
C SER D 87 8.93 25.13 24.98
N LEU D 88 9.53 23.98 25.31
CA LEU D 88 8.83 22.71 25.28
C LEU D 88 7.62 22.69 26.21
N LYS D 89 6.61 21.90 25.84
CA LYS D 89 5.38 21.78 26.60
C LYS D 89 4.98 20.30 26.73
N PRO D 90 4.21 19.95 27.76
CA PRO D 90 3.87 18.53 27.96
C PRO D 90 3.25 17.87 26.72
N GLU D 91 2.46 18.64 25.96
CA GLU D 91 1.83 18.20 24.72
C GLU D 91 2.82 17.96 23.58
N ASP D 92 4.07 18.40 23.77
CA ASP D 92 5.15 18.12 22.83
C ASP D 92 5.65 16.68 22.97
N THR D 93 5.28 16.01 24.06
CA THR D 93 5.69 14.63 24.33
C THR D 93 5.28 13.70 23.21
N ALA D 94 6.26 13.05 22.57
CA ALA D 94 5.96 12.15 21.46
C ALA D 94 7.23 11.49 20.99
N VAL D 95 7.09 10.49 20.11
CA VAL D 95 8.23 9.98 19.38
C VAL D 95 8.36 10.85 18.12
N TYR D 96 9.56 11.35 17.87
CA TYR D 96 9.81 12.24 16.74
C TYR D 96 10.56 11.54 15.64
N TYR D 97 10.05 11.65 14.41
CA TYR D 97 10.63 10.95 13.28
C TYR D 97 11.01 11.99 12.23
N CYS D 98 12.08 11.74 11.48
CA CYS D 98 12.27 12.49 10.23
C CYS D 98 11.93 11.59 9.05
N LYS D 99 11.62 12.22 7.92
CA LYS D 99 11.20 11.48 6.74
C LYS D 99 11.69 12.20 5.49
N THR D 100 12.05 11.44 4.47
CA THR D 100 12.13 11.97 3.12
C THR D 100 11.09 11.23 2.31
N GLY D 101 10.67 11.83 1.19
CA GLY D 101 9.68 11.23 0.32
C GLY D 101 8.33 10.96 0.97
N LEU D 102 7.55 10.09 0.35
CA LEU D 102 6.25 9.73 0.89
C LEU D 102 6.36 8.86 2.17
N THR D 103 7.29 7.91 2.16
CA THR D 103 7.32 6.86 3.19
C THR D 103 8.69 6.53 3.79
N ASN D 104 9.71 7.33 3.51
CA ASN D 104 11.04 6.99 4.03
C ASN D 104 11.23 7.48 5.46
N TRP D 105 10.71 6.74 6.42
CA TRP D 105 10.83 7.12 7.82
C TRP D 105 12.16 6.69 8.39
N GLY D 106 12.60 7.39 9.44
CA GLY D 106 13.66 6.92 10.29
C GLY D 106 13.12 5.99 11.37
N ARG D 107 13.84 5.88 12.48
CA ARG D 107 13.48 4.94 13.54
C ARG D 107 12.73 5.61 14.69
N GLY D 108 12.90 6.92 14.81
CA GLY D 108 12.23 7.70 15.85
C GLY D 108 13.07 7.89 17.11
N THR D 109 12.83 8.99 17.80
CA THR D 109 13.47 9.24 19.08
C THR D 109 12.42 9.84 20.01
N GLN D 110 12.46 9.44 21.28
CA GLN D 110 11.43 9.79 22.27
C GLN D 110 11.73 11.13 22.89
N VAL D 111 10.72 12.00 22.99
CA VAL D 111 10.87 13.27 23.63
C VAL D 111 9.73 13.36 24.63
N THR D 112 10.06 13.68 25.87
CA THR D 112 9.08 13.69 26.95
C THR D 112 9.27 14.95 27.75
N VAL D 113 8.15 15.67 27.96
CA VAL D 113 8.17 16.93 28.68
C VAL D 113 7.33 16.79 29.96
N SER D 114 7.92 17.14 31.11
CA SER D 114 7.33 16.93 32.44
C SER D 114 6.04 17.69 32.73
N ILE E 1 -15.72 -21.19 8.52
CA ILE E 1 -15.74 -19.75 8.76
C ILE E 1 -16.97 -19.07 8.17
N GLN E 2 -17.37 -17.95 8.75
CA GLN E 2 -18.42 -17.09 8.20
C GLN E 2 -17.86 -15.99 7.27
N VAL E 3 -18.36 -15.95 6.04
CA VAL E 3 -18.01 -14.89 5.10
C VAL E 3 -19.18 -13.90 4.96
N THR E 4 -18.93 -12.65 5.34
CA THR E 4 -19.97 -11.61 5.32
C THR E 4 -19.77 -10.59 4.20
N GLN E 5 -20.84 -10.35 3.44
CA GLN E 5 -20.86 -9.35 2.40
C GLN E 5 -22.26 -8.74 2.39
N PRO E 6 -22.40 -7.50 1.88
CA PRO E 6 -23.71 -6.85 1.90
C PRO E 6 -24.69 -7.52 0.92
N SER E 7 -25.97 -7.52 1.27
CA SER E 7 -26.99 -8.06 0.39
C SER E 7 -27.12 -7.22 -0.88
N VAL E 8 -27.10 -5.91 -0.71
CA VAL E 8 -27.31 -4.98 -1.80
C VAL E 8 -26.19 -3.94 -1.82
N VAL E 9 -25.69 -3.64 -3.02
CA VAL E 9 -24.71 -2.58 -3.23
C VAL E 9 -25.08 -1.79 -4.47
N LEU E 10 -25.14 -0.47 -4.34
CA LEU E 10 -25.38 0.39 -5.48
C LEU E 10 -24.09 0.63 -6.29
N ALA E 11 -24.07 0.19 -7.54
CA ALA E 11 -22.98 0.50 -8.45
C ALA E 11 -23.12 1.95 -8.90
N SER E 12 -22.01 2.55 -9.34
CA SER E 12 -22.01 3.91 -9.86
C SER E 12 -22.51 3.90 -11.30
N SER E 13 -22.83 5.07 -11.83
CA SER E 13 -23.31 5.17 -13.21
C SER E 13 -22.29 4.64 -14.24
N HIS E 14 -21.02 4.57 -13.84
CA HIS E 14 -19.94 4.11 -14.71
C HIS E 14 -19.70 2.59 -14.56
N GLY E 15 -20.59 1.93 -13.81
CA GLY E 15 -20.54 0.49 -13.66
C GLY E 15 -19.43 -0.04 -12.78
N VAL E 16 -19.10 0.71 -11.72
CA VAL E 16 -18.08 0.29 -10.75
C VAL E 16 -18.78 0.03 -9.42
N ALA E 17 -18.67 -1.21 -8.92
CA ALA E 17 -19.19 -1.52 -7.59
C ALA E 17 -18.05 -1.87 -6.65
N SER E 18 -18.15 -1.36 -5.42
CA SER E 18 -17.18 -1.71 -4.38
C SER E 18 -17.92 -2.15 -3.13
N PHE E 19 -17.53 -3.32 -2.63
CA PHE E 19 -18.11 -3.86 -1.41
C PHE E 19 -17.10 -4.75 -0.70
N PRO E 20 -17.27 -4.90 0.61
CA PRO E 20 -16.32 -5.72 1.37
C PRO E 20 -16.78 -7.16 1.55
N CYS E 21 -15.85 -8.11 1.53
CA CYS E 21 -16.11 -9.47 1.98
C CYS E 21 -15.26 -9.74 3.19
N GLU E 22 -15.93 -9.91 4.33
CA GLU E 22 -15.22 -10.12 5.58
C GLU E 22 -15.35 -11.56 6.08
N TYR E 23 -14.23 -12.16 6.45
CA TYR E 23 -14.30 -13.49 7.04
C TYR E 23 -14.20 -13.43 8.57
N SER E 24 -14.85 -14.38 9.24
CA SER E 24 -14.85 -14.50 10.69
C SER E 24 -15.08 -15.95 11.16
N PRO E 25 -14.55 -16.32 12.34
CA PRO E 25 -13.61 -15.51 13.13
C PRO E 25 -12.25 -15.42 12.43
N SER E 26 -11.41 -14.48 12.86
CA SER E 26 -10.17 -14.12 12.14
C SER E 26 -9.09 -15.15 12.34
N HIS E 27 -9.30 -16.35 11.84
CA HIS E 27 -8.33 -17.40 11.98
C HIS E 27 -7.00 -17.02 11.41
N ASN E 28 -5.94 -17.42 12.11
CA ASN E 28 -4.57 -17.26 11.61
C ASN E 28 -4.41 -17.84 10.21
N THR E 29 -3.68 -17.13 9.37
CA THR E 29 -3.41 -17.57 8.00
C THR E 29 -2.27 -16.73 7.42
N ASP E 30 -1.55 -17.27 6.44
CA ASP E 30 -0.53 -16.48 5.74
C ASP E 30 -0.84 -16.34 4.25
N GLU E 31 -1.97 -16.88 3.83
CA GLU E 31 -2.30 -16.96 2.42
C GLU E 31 -3.83 -17.06 2.28
N VAL E 32 -4.44 -15.98 1.80
CA VAL E 32 -5.89 -15.94 1.60
C VAL E 32 -6.25 -16.00 0.12
N ARG E 33 -6.93 -17.06 -0.30
CA ARG E 33 -7.44 -17.15 -1.68
C ARG E 33 -8.89 -16.67 -1.70
N VAL E 34 -9.14 -15.63 -2.48
CA VAL E 34 -10.47 -15.05 -2.58
C VAL E 34 -10.98 -15.26 -3.98
N THR E 35 -12.17 -15.85 -4.10
CA THR E 35 -12.75 -16.07 -5.42
C THR E 35 -14.08 -15.34 -5.52
N VAL E 36 -14.22 -14.54 -6.57
CA VAL E 36 -15.49 -13.86 -6.82
C VAL E 36 -16.26 -14.64 -7.88
N LEU E 37 -17.44 -15.13 -7.50
CA LEU E 37 -18.20 -15.96 -8.41
C LEU E 37 -19.53 -15.28 -8.72
N ARG E 38 -20.01 -15.44 -9.95
CA ARG E 38 -21.33 -14.92 -10.29
C ARG E 38 -22.30 -16.09 -10.42
N GLN E 39 -23.40 -16.04 -9.68
CA GLN E 39 -24.34 -17.15 -9.68
C GLN E 39 -25.53 -16.91 -10.61
N THR E 40 -25.80 -17.88 -11.48
CA THR E 40 -27.00 -17.84 -12.32
C THR E 40 -27.69 -19.20 -12.31
N ASN E 41 -28.81 -19.27 -11.61
CA ASN E 41 -29.51 -20.55 -11.43
C ASN E 41 -28.61 -21.61 -10.77
N ASP E 42 -28.49 -22.78 -11.40
CA ASP E 42 -27.61 -23.84 -10.91
C ASP E 42 -26.12 -23.62 -11.23
N GLN E 43 -25.79 -22.48 -11.83
CA GLN E 43 -24.44 -22.23 -12.35
C GLN E 43 -23.69 -21.14 -11.59
N MET E 44 -22.46 -21.43 -11.19
CA MET E 44 -21.57 -20.40 -10.66
C MET E 44 -20.40 -20.22 -11.61
N THR E 45 -20.29 -19.03 -12.20
CA THR E 45 -19.16 -18.72 -13.07
C THR E 45 -18.16 -17.86 -12.30
N GLU E 46 -16.87 -18.19 -12.43
CA GLU E 46 -15.81 -17.45 -11.75
C GLU E 46 -15.51 -16.12 -12.42
N VAL E 47 -15.77 -15.02 -11.72
CA VAL E 47 -15.50 -13.68 -12.25
C VAL E 47 -14.01 -13.37 -12.21
N CYS E 48 -13.41 -13.53 -11.03
CA CYS E 48 -11.99 -13.29 -10.82
C CYS E 48 -11.52 -13.90 -9.52
N ALA E 49 -10.23 -14.26 -9.45
CA ALA E 49 -9.69 -14.87 -8.24
C ALA E 49 -8.29 -14.34 -7.96
N THR E 50 -7.90 -14.33 -6.68
CA THR E 50 -6.56 -13.93 -6.33
C THR E 50 -6.15 -14.41 -4.94
N THR E 51 -4.86 -14.43 -4.68
CA THR E 51 -4.31 -14.90 -3.42
C THR E 51 -3.64 -13.72 -2.72
N PHE E 52 -4.14 -13.35 -1.55
CA PHE E 52 -3.52 -12.27 -0.77
C PHE E 52 -2.54 -12.81 0.26
N THR E 53 -1.45 -12.07 0.48
CA THR E 53 -0.50 -12.38 1.55
C THR E 53 -0.14 -11.09 2.25
N GLU E 54 0.55 -11.19 3.38
CA GLU E 54 1.03 -10.00 4.08
C GLU E 54 1.92 -9.15 3.17
N LYS E 55 2.73 -9.81 2.36
CA LYS E 55 3.62 -9.12 1.42
C LYS E 55 2.89 -8.58 0.18
N ASN E 56 1.85 -9.29 -0.27
CA ASN E 56 1.07 -8.82 -1.42
C ASN E 56 -0.39 -8.53 -1.06
N THR E 57 -0.64 -7.33 -0.53
CA THR E 57 -1.99 -6.94 -0.09
C THR E 57 -2.85 -6.39 -1.23
N VAL E 58 -2.26 -6.26 -2.41
CA VAL E 58 -2.98 -5.81 -3.60
C VAL E 58 -3.15 -6.93 -4.62
N GLY E 59 -4.40 -7.26 -4.90
CA GLY E 59 -4.73 -8.44 -5.69
C GLY E 59 -5.46 -8.19 -6.98
N PHE E 60 -5.72 -9.27 -7.71
CA PHE E 60 -6.36 -9.22 -9.01
C PHE E 60 -5.57 -8.35 -9.99
N LEU E 61 -4.25 -8.43 -9.91
CA LEU E 61 -3.40 -7.61 -10.76
C LEU E 61 -3.59 -8.02 -12.21
N ASP E 62 -3.86 -9.31 -12.41
CA ASP E 62 -4.05 -9.88 -13.73
C ASP E 62 -5.39 -9.49 -14.33
N TYR E 63 -6.39 -9.25 -13.49
CA TYR E 63 -7.71 -8.84 -13.95
C TYR E 63 -7.84 -7.32 -14.01
N PRO E 64 -8.25 -6.81 -15.19
CA PRO E 64 -8.42 -5.36 -15.42
C PRO E 64 -9.81 -4.86 -15.01
N PHE E 65 -10.73 -5.77 -14.71
CA PHE E 65 -12.08 -5.40 -14.32
C PHE E 65 -12.40 -5.76 -12.85
N CYS E 66 -11.44 -6.40 -12.18
CA CYS E 66 -11.53 -6.67 -10.76
C CYS E 66 -10.34 -6.05 -10.03
N SER E 67 -10.60 -5.34 -8.95
CA SER E 67 -9.54 -4.84 -8.07
C SER E 67 -9.84 -5.15 -6.60
N GLY E 68 -8.83 -5.17 -5.75
CA GLY E 68 -9.05 -5.43 -4.34
C GLY E 68 -7.86 -5.29 -3.42
N THR E 69 -8.13 -4.81 -2.20
CA THR E 69 -7.08 -4.80 -1.18
C THR E 69 -7.50 -5.58 0.06
N PHE E 70 -6.54 -6.29 0.66
CA PHE E 70 -6.81 -7.03 1.88
C PHE E 70 -6.32 -6.26 3.11
N ASN E 71 -7.27 -5.99 4.00
CA ASN E 71 -6.98 -5.26 5.22
C ASN E 71 -7.76 -5.96 6.33
N GLU E 72 -7.12 -6.11 7.49
CA GLU E 72 -7.75 -6.79 8.62
C GLU E 72 -8.03 -8.26 8.26
N SER E 73 -9.30 -8.63 8.21
CA SER E 73 -9.69 -9.94 7.68
C SER E 73 -10.82 -9.70 6.68
N ARG E 74 -10.59 -8.70 5.83
CA ARG E 74 -11.61 -8.09 5.01
C ARG E 74 -11.04 -7.79 3.61
N VAL E 75 -11.70 -8.29 2.57
CA VAL E 75 -11.32 -7.86 1.22
C VAL E 75 -12.16 -6.67 0.82
N ASN E 76 -11.51 -5.64 0.31
CA ASN E 76 -12.24 -4.49 -0.21
C ASN E 76 -12.30 -4.58 -1.72
N LEU E 77 -13.36 -5.20 -2.23
CA LEU E 77 -13.50 -5.47 -3.66
C LEU E 77 -13.97 -4.28 -4.46
N THR E 78 -13.47 -4.17 -5.68
CA THR E 78 -13.98 -3.22 -6.64
C THR E 78 -14.21 -3.93 -7.96
N ILE E 79 -15.46 -3.95 -8.43
CA ILE E 79 -15.76 -4.60 -9.69
C ILE E 79 -16.26 -3.58 -10.74
N GLN E 80 -15.63 -3.60 -11.91
CA GLN E 80 -15.97 -2.68 -13.00
C GLN E 80 -16.67 -3.42 -14.12
N GLY E 81 -17.06 -2.69 -15.16
CA GLY E 81 -17.71 -3.25 -16.34
C GLY E 81 -19.04 -3.93 -16.04
N LEU E 82 -19.92 -3.21 -15.35
CA LEU E 82 -21.25 -3.72 -15.02
C LEU E 82 -22.33 -3.01 -15.85
N ARG E 83 -23.40 -3.73 -16.16
CA ARG E 83 -24.53 -3.17 -16.91
C ARG E 83 -25.83 -3.55 -16.21
N ALA E 84 -26.96 -3.28 -16.85
CA ALA E 84 -28.25 -3.73 -16.34
C ALA E 84 -28.34 -5.26 -16.42
N VAL E 85 -27.52 -5.84 -17.29
CA VAL E 85 -27.49 -7.29 -17.50
C VAL E 85 -26.81 -8.04 -16.36
N ASP E 86 -26.49 -7.32 -15.28
CA ASP E 86 -25.82 -7.94 -14.13
C ASP E 86 -26.76 -8.83 -13.31
N THR E 87 -27.75 -9.43 -13.97
CA THR E 87 -28.66 -10.32 -13.29
C THR E 87 -27.89 -11.48 -12.69
N GLY E 88 -27.93 -11.56 -11.36
CA GLY E 88 -27.16 -12.57 -10.66
C GLY E 88 -26.46 -12.06 -9.42
N LEU E 89 -26.19 -13.00 -8.53
CA LEU E 89 -25.53 -12.73 -7.26
C LEU E 89 -24.03 -12.83 -7.43
N TYR E 90 -23.32 -11.97 -6.74
CA TYR E 90 -21.87 -12.03 -6.69
C TYR E 90 -21.48 -12.60 -5.33
N LEU E 91 -20.91 -13.80 -5.35
CA LEU E 91 -20.56 -14.49 -4.12
C LEU E 91 -19.07 -14.34 -3.85
N CYS E 92 -18.73 -14.10 -2.59
CA CYS E 92 -17.35 -14.16 -2.15
C CYS E 92 -17.02 -15.52 -1.54
N LYS E 93 -16.08 -16.23 -2.15
CA LYS E 93 -15.55 -17.47 -1.57
C LYS E 93 -14.18 -17.12 -0.99
N VAL E 94 -14.00 -17.36 0.31
CA VAL E 94 -12.72 -17.07 0.96
C VAL E 94 -12.11 -18.37 1.48
N GLU E 95 -10.84 -18.61 1.16
CA GLU E 95 -10.13 -19.80 1.62
C GLU E 95 -8.84 -19.44 2.35
N LEU E 96 -8.65 -20.02 3.55
CA LEU E 96 -7.38 -19.85 4.25
C LEU E 96 -6.51 -21.03 3.90
N MET E 97 -5.54 -20.79 3.02
CA MET E 97 -4.80 -21.85 2.37
C MET E 97 -3.65 -22.44 3.18
N TYR E 98 -3.06 -21.63 4.06
CA TYR E 98 -1.86 -22.02 4.75
C TYR E 98 -1.58 -21.03 5.87
N PRO E 99 -1.03 -21.49 7.01
CA PRO E 99 -0.77 -22.88 7.41
C PRO E 99 -2.04 -23.61 7.81
N PRO E 100 -1.97 -24.94 7.99
CA PRO E 100 -3.14 -25.64 8.52
C PRO E 100 -3.51 -25.02 9.88
N PRO E 101 -4.79 -25.12 10.25
CA PRO E 101 -5.86 -25.77 9.47
C PRO E 101 -6.37 -24.93 8.29
N TYR E 102 -6.83 -25.62 7.25
CA TYR E 102 -7.50 -24.99 6.11
C TYR E 102 -8.96 -24.64 6.47
N PHE E 103 -9.37 -23.42 6.15
CA PHE E 103 -10.76 -23.03 6.28
C PHE E 103 -11.27 -22.51 4.95
N VAL E 104 -12.56 -22.67 4.71
CA VAL E 104 -13.19 -22.19 3.50
C VAL E 104 -14.60 -21.72 3.88
N GLY E 105 -15.04 -20.63 3.26
CA GLY E 105 -16.39 -20.14 3.47
C GLY E 105 -16.90 -19.42 2.23
N MET E 106 -18.22 -19.45 2.05
CA MET E 106 -18.91 -18.80 0.94
C MET E 106 -19.83 -17.72 1.51
N GLY E 107 -19.87 -16.55 0.89
CA GLY E 107 -20.72 -15.46 1.37
C GLY E 107 -22.16 -15.63 0.94
N ASN E 108 -23.05 -14.82 1.52
CA ASN E 108 -24.47 -14.87 1.14
C ASN E 108 -24.74 -14.23 -0.22
N GLY E 109 -23.71 -13.65 -0.81
CA GLY E 109 -23.84 -13.07 -2.13
C GLY E 109 -24.34 -11.64 -2.11
N THR E 110 -23.85 -10.83 -3.06
CA THR E 110 -24.25 -9.44 -3.14
C THR E 110 -25.06 -9.19 -4.41
N GLN E 111 -26.22 -8.55 -4.28
CA GLN E 111 -26.97 -8.09 -5.45
C GLN E 111 -26.54 -6.65 -5.78
N ILE E 112 -26.14 -6.41 -7.01
CA ILE E 112 -25.72 -5.08 -7.41
C ILE E 112 -26.80 -4.33 -8.21
N TYR E 113 -27.18 -3.15 -7.74
CA TYR E 113 -28.16 -2.30 -8.42
C TYR E 113 -27.45 -1.10 -9.03
N VAL E 114 -27.90 -0.66 -10.19
CA VAL E 114 -27.25 0.44 -10.93
C VAL E 114 -28.08 1.73 -10.92
N ILE E 115 -27.41 2.86 -10.69
CA ILE E 115 -28.06 4.16 -10.69
C ILE E 115 -28.22 4.73 -12.11
N VAL F 4 -8.20 -7.02 17.49
CA VAL F 4 -7.80 -7.55 18.79
C VAL F 4 -6.32 -7.37 19.00
N GLN F 5 -5.93 -6.87 20.19
CA GLN F 5 -4.54 -6.58 20.49
C GLN F 5 -3.86 -7.72 21.24
N LEU F 6 -2.75 -8.20 20.68
CA LEU F 6 -2.02 -9.33 21.26
C LEU F 6 -0.71 -8.90 21.90
N VAL F 7 -0.42 -9.46 23.07
CA VAL F 7 0.80 -9.17 23.80
C VAL F 7 1.48 -10.46 24.23
N GLU F 8 2.73 -10.66 23.79
CA GLU F 8 3.47 -11.88 24.11
C GLU F 8 4.33 -11.69 25.35
N SER F 9 4.53 -12.77 26.09
CA SER F 9 5.35 -12.71 27.28
C SER F 9 5.88 -14.10 27.61
N GLY F 10 6.86 -14.14 28.51
CA GLY F 10 7.42 -15.39 28.99
C GLY F 10 8.71 -15.82 28.32
N GLY F 11 9.22 -14.97 27.43
CA GLY F 11 10.46 -15.26 26.74
C GLY F 11 11.61 -15.10 27.71
N GLY F 12 12.79 -15.59 27.33
CA GLY F 12 13.98 -15.47 28.18
C GLY F 12 15.08 -16.49 27.93
N LEU F 13 15.95 -16.66 28.91
CA LEU F 13 17.08 -17.56 28.77
C LEU F 13 16.79 -18.95 29.34
N ALA F 14 16.91 -19.98 28.49
CA ALA F 14 16.77 -21.36 28.96
C ALA F 14 17.99 -22.21 28.59
N GLN F 15 18.17 -23.32 29.30
CA GLN F 15 19.25 -24.25 28.98
C GLN F 15 18.75 -25.30 27.99
N PRO F 16 19.65 -25.81 27.13
CA PRO F 16 19.28 -26.90 26.22
C PRO F 16 18.70 -28.09 26.98
N GLY F 17 17.68 -28.73 26.42
CA GLY F 17 16.96 -29.77 27.12
C GLY F 17 15.89 -29.22 28.05
N GLY F 18 15.85 -27.90 28.20
CA GLY F 18 14.94 -27.28 29.16
C GLY F 18 13.54 -26.95 28.66
N SER F 19 12.76 -26.30 29.51
CA SER F 19 11.37 -25.93 29.22
C SER F 19 11.14 -24.44 29.36
N LEU F 20 10.12 -23.94 28.65
CA LEU F 20 9.75 -22.53 28.69
C LEU F 20 8.32 -22.41 28.18
N ARG F 21 7.47 -21.70 28.91
CA ARG F 21 6.11 -21.46 28.44
C ARG F 21 5.87 -19.99 28.07
N LEU F 22 5.47 -19.76 26.81
CA LEU F 22 5.17 -18.41 26.34
C LEU F 22 3.68 -18.10 26.44
N SER F 23 3.36 -16.85 26.75
CA SER F 23 1.98 -16.38 26.81
C SER F 23 1.64 -15.44 25.65
N CYS F 24 0.47 -15.63 25.07
CA CYS F 24 -0.08 -14.68 24.11
C CYS F 24 -1.39 -14.18 24.69
N ALA F 25 -1.35 -13.01 25.33
CA ALA F 25 -2.54 -12.46 25.95
C ALA F 25 -3.29 -11.51 24.99
N ALA F 26 -4.60 -11.69 24.90
CA ALA F 26 -5.42 -10.92 23.97
C ALA F 26 -6.34 -9.98 24.72
N SER F 27 -6.48 -8.77 24.20
CA SER F 27 -7.35 -7.77 24.81
C SER F 27 -8.16 -7.11 23.72
N GLY F 28 -9.35 -6.63 24.04
CA GLY F 28 -10.19 -5.97 23.03
C GLY F 28 -11.42 -6.77 22.62
N SER F 29 -11.25 -8.08 22.45
CA SER F 29 -12.37 -8.99 22.25
C SER F 29 -11.92 -10.42 22.54
N THR F 30 -12.86 -11.37 22.59
CA THR F 30 -12.53 -12.73 22.96
C THR F 30 -11.78 -13.46 21.83
N ILE F 31 -10.88 -14.37 22.20
CA ILE F 31 -10.21 -15.20 21.21
C ILE F 31 -10.57 -16.69 21.35
N SER F 32 -11.58 -17.00 22.17
CA SER F 32 -11.97 -18.39 22.43
C SER F 32 -12.30 -19.20 21.16
N SER F 33 -12.75 -18.50 20.13
CA SER F 33 -13.05 -19.15 18.85
C SER F 33 -12.08 -18.77 17.71
N VAL F 34 -11.01 -18.07 18.02
CA VAL F 34 -10.07 -17.69 16.95
C VAL F 34 -8.87 -18.62 16.96
N ALA F 35 -8.52 -19.16 15.78
CA ALA F 35 -7.27 -19.92 15.68
C ALA F 35 -6.08 -18.96 15.76
N VAL F 36 -5.37 -18.97 16.89
CA VAL F 36 -4.20 -18.12 17.07
C VAL F 36 -2.92 -18.87 16.68
N GLY F 37 -2.10 -18.24 15.84
CA GLY F 37 -0.87 -18.85 15.37
C GLY F 37 0.33 -18.34 16.15
N TRP F 38 1.27 -19.24 16.41
CA TRP F 38 2.56 -18.85 16.98
C TRP F 38 3.63 -18.87 15.91
N TYR F 39 4.47 -17.82 15.91
CA TYR F 39 5.51 -17.66 14.90
C TYR F 39 6.86 -17.35 15.52
N ARG F 40 7.94 -17.73 14.83
CA ARG F 40 9.26 -17.40 15.32
C ARG F 40 10.13 -16.82 14.21
N GLN F 41 11.04 -15.93 14.60
CA GLN F 41 11.88 -15.25 13.64
C GLN F 41 13.33 -15.13 14.13
N THR F 42 14.29 -15.44 13.26
CA THR F 42 15.68 -15.13 13.58
C THR F 42 16.03 -13.84 12.82
N PRO F 43 16.96 -13.03 13.36
CA PRO F 43 17.34 -11.76 12.71
C PRO F 43 17.74 -11.93 11.24
N GLY F 44 17.15 -11.13 10.37
CA GLY F 44 17.46 -11.19 8.95
C GLY F 44 16.49 -12.07 8.17
N ASN F 45 15.78 -12.92 8.88
CA ASN F 45 14.93 -13.90 8.21
C ASN F 45 13.45 -13.59 8.43
N GLN F 46 12.58 -14.36 7.77
CA GLN F 46 11.15 -14.11 7.84
C GLN F 46 10.51 -14.81 9.02
N ARG F 47 9.34 -14.32 9.43
CA ARG F 47 8.60 -14.99 10.48
C ARG F 47 8.07 -16.32 9.96
N GLU F 48 8.27 -17.36 10.76
CA GLU F 48 8.01 -18.71 10.33
C GLU F 48 7.02 -19.35 11.27
N TRP F 49 6.12 -20.15 10.72
CA TRP F 49 5.02 -20.70 11.48
C TRP F 49 5.45 -21.82 12.44
N VAL F 50 5.08 -21.68 13.70
CA VAL F 50 5.39 -22.70 14.68
C VAL F 50 4.19 -23.61 14.91
N ALA F 51 3.07 -23.01 15.33
CA ALA F 51 1.87 -23.76 15.66
C ALA F 51 0.63 -22.86 15.61
N THR F 52 -0.53 -23.48 15.46
CA THR F 52 -1.78 -22.75 15.52
C THR F 52 -2.73 -23.41 16.53
N SER F 53 -3.41 -22.61 17.32
CA SER F 53 -4.27 -23.14 18.38
C SER F 53 -5.45 -23.92 17.84
N SER F 54 -6.13 -24.67 18.71
CA SER F 54 -7.35 -25.38 18.33
C SER F 54 -8.55 -24.43 18.13
N THR F 55 -9.63 -24.93 17.54
CA THR F 55 -10.89 -24.20 17.50
C THR F 55 -12.02 -25.16 17.79
N SER F 56 -13.26 -24.64 17.72
CA SER F 56 -14.49 -25.45 17.79
C SER F 56 -14.41 -26.75 16.98
N SER F 57 -13.79 -26.69 15.81
CA SER F 57 -13.89 -27.77 14.83
C SER F 57 -12.53 -28.30 14.34
N THR F 58 -11.44 -27.75 14.85
CA THR F 58 -10.13 -28.18 14.42
C THR F 58 -9.16 -28.42 15.59
N THR F 59 -8.37 -29.48 15.49
CA THR F 59 -7.31 -29.69 16.48
C THR F 59 -6.08 -28.80 16.21
N ALA F 60 -5.29 -28.58 17.25
CA ALA F 60 -4.07 -27.79 17.13
C ALA F 60 -3.16 -28.33 16.02
N THR F 61 -2.49 -27.45 15.31
CA THR F 61 -1.56 -27.91 14.28
C THR F 61 -0.15 -27.46 14.59
N TYR F 62 0.84 -28.21 14.14
CA TYR F 62 2.22 -27.93 14.48
C TYR F 62 3.13 -28.07 13.29
N ALA F 63 4.09 -27.14 13.17
CA ALA F 63 5.18 -27.30 12.21
C ALA F 63 5.99 -28.54 12.54
N ASP F 64 6.59 -29.15 11.52
CA ASP F 64 7.29 -30.40 11.69
C ASP F 64 8.45 -30.30 12.68
N SER F 65 9.17 -29.18 12.66
CA SER F 65 10.42 -29.07 13.43
C SER F 65 10.18 -29.03 14.94
N VAL F 66 8.95 -28.71 15.34
CA VAL F 66 8.59 -28.58 16.74
C VAL F 66 7.57 -29.64 17.16
N LYS F 67 7.27 -30.59 16.28
CA LYS F 67 6.21 -31.55 16.56
C LYS F 67 6.56 -32.48 17.73
N GLY F 68 5.72 -32.45 18.77
CA GLY F 68 5.96 -33.30 19.92
C GLY F 68 6.96 -32.75 20.91
N ARG F 69 7.50 -31.57 20.62
CA ARG F 69 8.27 -30.83 21.62
C ARG F 69 7.43 -29.66 22.11
N PHE F 70 6.68 -29.06 21.19
CA PHE F 70 5.85 -27.92 21.53
C PHE F 70 4.40 -28.33 21.67
N THR F 71 3.70 -27.71 22.61
CA THR F 71 2.28 -27.91 22.80
C THR F 71 1.60 -26.57 22.95
N ILE F 72 0.75 -26.23 21.99
CA ILE F 72 -0.01 -24.99 22.06
C ILE F 72 -1.38 -25.26 22.68
N SER F 73 -1.76 -24.45 23.67
CA SER F 73 -3.01 -24.68 24.40
C SER F 73 -3.69 -23.36 24.75
N ARG F 74 -4.89 -23.44 25.32
CA ARG F 74 -5.67 -22.25 25.65
C ARG F 74 -5.94 -22.12 27.13
N ASP F 75 -6.08 -20.88 27.57
CA ASP F 75 -6.77 -20.56 28.82
C ASP F 75 -7.82 -19.52 28.44
N ASN F 76 -9.04 -19.99 28.19
CA ASN F 76 -10.12 -19.13 27.72
C ASN F 76 -10.49 -18.06 28.73
N ALA F 77 -10.49 -18.40 30.01
CA ALA F 77 -10.82 -17.45 31.06
C ALA F 77 -9.86 -16.25 31.12
N LYS F 78 -8.59 -16.47 30.77
CA LYS F 78 -7.59 -15.40 30.75
C LYS F 78 -7.40 -14.82 29.35
N ASN F 79 -8.20 -15.30 28.39
CA ASN F 79 -8.13 -14.86 27.00
C ASN F 79 -6.70 -14.99 26.45
N THR F 80 -6.13 -16.17 26.66
CA THR F 80 -4.70 -16.40 26.46
C THR F 80 -4.41 -17.72 25.74
N ILE F 81 -3.41 -17.70 24.87
CA ILE F 81 -2.91 -18.89 24.22
C ILE F 81 -1.50 -19.16 24.75
N TYR F 82 -1.24 -20.38 25.19
CA TYR F 82 0.09 -20.76 25.65
C TYR F 82 0.82 -21.57 24.59
N LEU F 83 2.14 -21.34 24.52
CA LEU F 83 3.05 -22.19 23.76
C LEU F 83 4.03 -22.86 24.74
N GLN F 84 3.82 -24.14 24.99
CA GLN F 84 4.69 -24.89 25.90
C GLN F 84 5.85 -25.45 25.08
N MET F 85 7.07 -25.03 25.42
CA MET F 85 8.27 -25.44 24.69
C MET F 85 9.17 -26.37 25.50
N ASN F 86 9.05 -27.67 25.22
CA ASN F 86 9.87 -28.68 25.89
C ASN F 86 11.04 -29.06 25.02
N SER F 87 12.03 -29.73 25.61
CA SER F 87 13.19 -30.21 24.88
C SER F 87 13.84 -29.13 24.03
N LEU F 88 14.07 -27.96 24.64
CA LEU F 88 14.65 -26.82 23.91
C LEU F 88 16.02 -27.12 23.28
N LYS F 89 16.20 -26.65 22.04
CA LYS F 89 17.47 -26.72 21.33
C LYS F 89 17.97 -25.30 21.06
N PRO F 90 19.29 -25.12 20.88
CA PRO F 90 19.83 -23.81 20.44
C PRO F 90 19.14 -23.29 19.18
N GLU F 91 18.66 -24.20 18.33
CA GLU F 91 17.96 -23.84 17.09
C GLU F 91 16.53 -23.37 17.37
N ASP F 92 16.13 -23.33 18.63
CA ASP F 92 14.82 -22.75 18.99
C ASP F 92 14.98 -21.28 19.41
N THR F 93 16.22 -20.81 19.45
CA THR F 93 16.52 -19.40 19.71
C THR F 93 15.91 -18.55 18.61
N ALA F 94 15.01 -17.64 19.00
CA ALA F 94 14.40 -16.69 18.07
C ALA F 94 13.50 -15.75 18.86
N VAL F 95 12.96 -14.76 18.17
CA VAL F 95 11.86 -13.97 18.70
C VAL F 95 10.51 -14.62 18.34
N TYR F 96 9.69 -14.86 19.35
CA TYR F 96 8.42 -15.51 19.12
C TYR F 96 7.26 -14.51 19.09
N TYR F 97 6.36 -14.69 18.11
CA TYR F 97 5.16 -13.86 17.92
C TYR F 97 3.90 -14.71 17.87
N CYS F 98 2.78 -14.13 18.30
CA CYS F 98 1.48 -14.69 17.96
C CYS F 98 0.74 -13.74 17.05
N LYS F 99 -0.16 -14.28 16.25
CA LYS F 99 -1.05 -13.43 15.48
C LYS F 99 -2.44 -14.05 15.25
N THR F 100 -3.39 -13.21 14.84
CA THR F 100 -4.65 -13.67 14.26
C THR F 100 -4.71 -13.09 12.86
N GLY F 101 -5.54 -13.67 12.01
CA GLY F 101 -5.70 -13.17 10.66
C GLY F 101 -4.41 -13.18 9.86
N LEU F 102 -4.34 -12.31 8.87
CA LEU F 102 -3.20 -12.29 7.98
C LEU F 102 -2.01 -11.55 8.58
N THR F 103 -2.30 -10.51 9.36
CA THR F 103 -1.27 -9.54 9.74
C THR F 103 -1.39 -9.01 11.16
N ASN F 104 -2.26 -9.57 11.97
CA ASN F 104 -2.41 -9.03 13.33
C ASN F 104 -1.37 -9.58 14.32
N TRP F 105 -0.14 -9.08 14.23
CA TRP F 105 0.96 -9.50 15.10
C TRP F 105 0.94 -8.90 16.51
N GLY F 106 1.42 -9.66 17.48
CA GLY F 106 1.73 -9.10 18.79
C GLY F 106 3.10 -8.45 18.76
N ARG F 107 3.70 -8.20 19.92
CA ARG F 107 4.98 -7.46 19.99
C ARG F 107 6.21 -8.37 19.87
N GLY F 108 6.04 -9.65 20.16
CA GLY F 108 7.17 -10.56 20.13
C GLY F 108 7.85 -10.70 21.48
N THR F 109 8.47 -11.85 21.71
CA THR F 109 9.21 -12.09 22.93
C THR F 109 10.43 -12.95 22.62
N GLN F 110 11.58 -12.56 23.18
CA GLN F 110 12.85 -13.22 22.88
C GLN F 110 13.07 -14.52 23.66
N VAL F 111 13.33 -15.59 22.92
CA VAL F 111 13.71 -16.87 23.51
C VAL F 111 15.12 -17.21 23.09
N THR F 112 15.97 -17.52 24.07
CA THR F 112 17.34 -17.92 23.81
C THR F 112 17.68 -19.23 24.51
N VAL F 113 18.09 -20.23 23.72
CA VAL F 113 18.56 -21.50 24.25
C VAL F 113 20.05 -21.61 23.96
N SER F 114 20.88 -21.78 25.00
CA SER F 114 22.33 -21.83 24.83
C SER F 114 23.03 -22.83 25.73
N ILE G 1 24.96 -5.42 -27.15
CA ILE G 1 24.06 -4.64 -26.30
C ILE G 1 24.76 -3.37 -25.82
N GLN G 2 24.00 -2.29 -25.66
CA GLN G 2 24.55 -1.05 -25.12
C GLN G 2 24.65 -1.14 -23.60
N VAL G 3 25.73 -0.60 -23.05
CA VAL G 3 25.90 -0.55 -21.60
C VAL G 3 26.15 0.89 -21.18
N THR G 4 25.28 1.41 -20.32
CA THR G 4 25.38 2.78 -19.89
C THR G 4 25.92 2.88 -18.48
N GLN G 5 26.89 3.77 -18.27
CA GLN G 5 27.37 4.08 -16.93
C GLN G 5 27.88 5.52 -16.93
N PRO G 6 27.79 6.20 -15.77
CA PRO G 6 28.17 7.61 -15.73
C PRO G 6 29.68 7.76 -15.91
N SER G 7 30.09 8.85 -16.54
CA SER G 7 31.50 9.00 -16.88
C SER G 7 32.35 9.33 -15.65
N VAL G 8 31.77 10.08 -14.70
CA VAL G 8 32.46 10.41 -13.45
C VAL G 8 31.53 10.24 -12.24
N VAL G 9 32.04 9.64 -11.16
CA VAL G 9 31.41 9.72 -9.84
C VAL G 9 32.41 10.11 -8.75
N LEU G 10 31.93 10.86 -7.76
CA LEU G 10 32.76 11.21 -6.61
C LEU G 10 32.45 10.27 -5.46
N ALA G 11 33.47 9.57 -4.98
CA ALA G 11 33.39 8.66 -3.86
C ALA G 11 33.38 9.41 -2.53
N SER G 12 32.74 8.82 -1.52
CA SER G 12 32.64 9.41 -0.18
C SER G 12 33.99 9.55 0.54
N SER G 13 33.96 10.18 1.72
CA SER G 13 35.13 10.30 2.58
C SER G 13 35.75 8.95 2.89
N HIS G 14 34.89 7.93 3.01
CA HIS G 14 35.31 6.61 3.45
C HIS G 14 35.72 5.73 2.27
N GLY G 15 35.87 6.36 1.09
CA GLY G 15 36.32 5.66 -0.11
C GLY G 15 35.28 4.74 -0.72
N VAL G 16 34.01 5.07 -0.56
CA VAL G 16 32.93 4.27 -1.14
C VAL G 16 32.23 4.99 -2.31
N ALA G 17 32.18 4.33 -3.45
CA ALA G 17 31.59 4.95 -4.64
C ALA G 17 30.51 4.06 -5.22
N SER G 18 29.36 4.66 -5.49
CA SER G 18 28.23 3.94 -6.08
C SER G 18 27.87 4.51 -7.45
N PHE G 19 27.53 3.64 -8.38
CA PHE G 19 27.11 4.08 -9.69
C PHE G 19 26.30 2.98 -10.37
N PRO G 20 25.36 3.38 -11.25
CA PRO G 20 24.56 2.39 -11.97
C PRO G 20 25.24 1.92 -13.24
N CYS G 21 25.00 0.67 -13.58
CA CYS G 21 25.43 0.15 -14.86
C CYS G 21 24.24 -0.56 -15.53
N GLU G 22 23.67 0.08 -16.54
CA GLU G 22 22.42 -0.43 -17.15
C GLU G 22 22.61 -0.78 -18.61
N TYR G 23 21.99 -1.87 -19.04
CA TYR G 23 22.13 -2.30 -20.43
C TYR G 23 20.80 -2.30 -21.19
N SER G 24 20.88 -2.21 -22.52
CA SER G 24 19.73 -2.29 -23.43
C SER G 24 20.18 -2.93 -24.75
N PRO G 25 19.26 -3.57 -25.50
CA PRO G 25 17.86 -3.82 -25.16
C PRO G 25 17.80 -4.87 -24.05
N SER G 26 16.71 -4.93 -23.29
CA SER G 26 16.63 -5.86 -22.18
C SER G 26 16.31 -7.28 -22.67
N HIS G 27 17.23 -7.88 -23.41
CA HIS G 27 17.00 -9.21 -23.99
C HIS G 27 16.64 -10.24 -22.94
N ASN G 28 15.87 -11.24 -23.38
CA ASN G 28 15.52 -12.33 -22.51
C ASN G 28 16.74 -13.05 -22.00
N THR G 29 16.85 -13.19 -20.69
CA THR G 29 17.93 -13.97 -20.11
C THR G 29 17.51 -14.47 -18.73
N ASP G 30 18.19 -15.52 -18.29
CA ASP G 30 18.02 -16.05 -16.94
C ASP G 30 19.33 -16.02 -16.17
N GLU G 31 20.41 -15.54 -16.81
CA GLU G 31 21.72 -15.54 -16.17
C GLU G 31 22.56 -14.37 -16.66
N VAL G 32 22.70 -13.35 -15.81
CA VAL G 32 23.52 -12.19 -16.13
C VAL G 32 24.87 -12.22 -15.40
N ARG G 33 25.96 -12.30 -16.15
CA ARG G 33 27.30 -12.24 -15.57
C ARG G 33 27.83 -10.81 -15.66
N VAL G 34 27.96 -10.12 -14.53
CA VAL G 34 28.56 -8.78 -14.52
C VAL G 34 30.05 -8.82 -14.09
N THR G 35 30.93 -8.26 -14.92
CA THR G 35 32.35 -8.18 -14.60
C THR G 35 32.74 -6.71 -14.49
N VAL G 36 33.52 -6.38 -13.46
CA VAL G 36 34.02 -5.03 -13.30
C VAL G 36 35.53 -5.00 -13.56
N LEU G 37 35.94 -4.19 -14.53
CA LEU G 37 37.34 -4.10 -14.90
C LEU G 37 37.90 -2.72 -14.56
N ARG G 38 39.13 -2.68 -14.06
CA ARG G 38 39.81 -1.43 -13.81
C ARG G 38 40.86 -1.16 -14.88
N GLN G 39 40.73 0.02 -15.49
CA GLN G 39 41.66 0.46 -16.50
C GLN G 39 42.49 1.57 -15.90
N THR G 40 43.80 1.44 -16.02
CA THR G 40 44.67 2.55 -15.64
C THR G 40 45.67 2.70 -16.75
N ASN G 41 45.61 3.84 -17.41
CA ASN G 41 46.43 4.08 -18.59
C ASN G 41 46.24 2.95 -19.61
N ASP G 42 47.34 2.29 -19.97
CA ASP G 42 47.27 1.31 -21.06
C ASP G 42 47.10 -0.13 -20.58
N GLN G 43 46.36 -0.33 -19.50
CA GLN G 43 46.21 -1.68 -18.94
C GLN G 43 44.92 -1.90 -18.15
N MET G 44 44.40 -3.11 -18.27
CA MET G 44 43.10 -3.44 -17.70
C MET G 44 43.22 -4.72 -16.90
N THR G 45 42.68 -4.72 -15.67
CA THR G 45 42.61 -5.93 -14.86
C THR G 45 41.21 -6.10 -14.27
N GLU G 46 40.74 -7.34 -14.23
CA GLU G 46 39.45 -7.67 -13.61
C GLU G 46 39.51 -7.47 -12.09
N VAL G 47 38.58 -6.69 -11.57
CA VAL G 47 38.53 -6.38 -10.14
C VAL G 47 37.45 -7.20 -9.39
N CYS G 48 36.31 -7.45 -10.02
CA CYS G 48 35.31 -8.37 -9.46
C CYS G 48 34.38 -8.89 -10.53
N ALA G 49 33.61 -9.93 -10.20
CA ALA G 49 32.62 -10.46 -11.13
C ALA G 49 31.57 -11.21 -10.34
N THR G 50 30.38 -11.32 -10.90
CA THR G 50 29.31 -12.02 -10.21
C THR G 50 28.23 -12.43 -11.23
N THR G 51 27.42 -13.42 -10.85
CA THR G 51 26.35 -13.87 -11.71
C THR G 51 25.00 -13.55 -11.08
N PHE G 52 24.21 -12.73 -11.78
CA PHE G 52 22.87 -12.41 -11.31
C PHE G 52 21.80 -13.31 -11.93
N THR G 53 20.83 -13.71 -11.11
CA THR G 53 19.68 -14.46 -11.59
C THR G 53 18.42 -13.98 -10.86
N GLU G 54 17.27 -14.52 -11.24
CA GLU G 54 16.01 -14.10 -10.62
C GLU G 54 16.01 -14.41 -9.13
N LYS G 55 16.58 -15.56 -8.77
CA LYS G 55 16.72 -15.89 -7.37
C LYS G 55 17.87 -15.12 -6.69
N ASN G 56 18.97 -14.91 -7.41
CA ASN G 56 20.13 -14.25 -6.80
C ASN G 56 20.34 -12.83 -7.30
N THR G 57 19.72 -11.86 -6.64
CA THR G 57 19.78 -10.49 -7.11
C THR G 57 20.89 -9.70 -6.44
N VAL G 58 21.46 -10.25 -5.37
CA VAL G 58 22.55 -9.56 -4.67
C VAL G 58 23.88 -10.31 -4.85
N GLY G 59 24.86 -9.63 -5.44
CA GLY G 59 26.06 -10.33 -5.85
C GLY G 59 27.36 -9.89 -5.20
N PHE G 60 28.46 -10.35 -5.77
CA PHE G 60 29.81 -10.01 -5.29
C PHE G 60 30.03 -10.36 -3.81
N LEU G 61 29.36 -11.39 -3.32
CA LEU G 61 29.50 -11.75 -1.91
C LEU G 61 30.91 -12.20 -1.57
N ASP G 62 31.64 -12.66 -2.59
CA ASP G 62 32.98 -13.23 -2.40
C ASP G 62 34.10 -12.20 -2.63
N TYR G 63 33.70 -10.97 -2.92
CA TYR G 63 34.63 -9.85 -3.10
C TYR G 63 34.43 -8.80 -2.02
N PRO G 64 35.46 -8.60 -1.18
CA PRO G 64 35.33 -7.63 -0.09
C PRO G 64 35.23 -6.15 -0.53
N PHE G 65 35.68 -5.81 -1.73
CA PHE G 65 35.63 -4.40 -2.14
C PHE G 65 34.64 -4.07 -3.27
N CYS G 66 33.76 -5.02 -3.59
CA CYS G 66 32.66 -4.75 -4.53
C CYS G 66 31.34 -5.25 -3.96
N SER G 67 30.30 -4.44 -4.13
CA SER G 67 28.93 -4.84 -3.85
C SER G 67 28.09 -4.58 -5.09
N GLY G 68 26.95 -5.25 -5.18
CA GLY G 68 26.05 -4.99 -6.29
C GLY G 68 24.74 -5.75 -6.16
N THR G 69 23.65 -5.07 -6.47
CA THR G 69 22.36 -5.72 -6.58
C THR G 69 21.83 -5.47 -7.99
N PHE G 70 20.98 -6.37 -8.48
CA PHE G 70 20.49 -6.28 -9.84
C PHE G 70 18.97 -6.14 -9.84
N ASN G 71 18.47 -5.23 -10.66
CA ASN G 71 17.04 -5.07 -10.84
C ASN G 71 16.74 -4.54 -12.25
N GLU G 72 15.62 -5.00 -12.83
CA GLU G 72 15.26 -4.65 -14.20
C GLU G 72 16.42 -4.95 -15.14
N SER G 73 17.07 -3.91 -15.66
CA SER G 73 18.28 -4.14 -16.46
C SER G 73 19.51 -3.39 -15.94
N ARG G 74 19.46 -2.97 -14.68
CA ARG G 74 20.48 -2.11 -14.10
C ARG G 74 21.17 -2.75 -12.87
N VAL G 75 22.50 -2.80 -12.91
CA VAL G 75 23.29 -3.20 -11.74
C VAL G 75 23.66 -1.98 -10.94
N ASN G 76 23.24 -1.93 -9.68
CA ASN G 76 23.72 -0.90 -8.80
C ASN G 76 24.99 -1.37 -8.09
N LEU G 77 26.13 -0.85 -8.54
CA LEU G 77 27.44 -1.30 -8.07
C LEU G 77 28.02 -0.38 -7.01
N THR G 78 28.77 -0.99 -6.10
CA THR G 78 29.48 -0.22 -5.11
C THR G 78 30.94 -0.71 -5.08
N ILE G 79 31.87 0.23 -5.15
CA ILE G 79 33.28 -0.12 -5.02
C ILE G 79 33.80 0.56 -3.76
N GLN G 80 34.49 -0.20 -2.91
CA GLN G 80 34.95 0.29 -1.60
C GLN G 80 36.47 0.15 -1.48
N GLY G 81 37.04 0.67 -0.38
CA GLY G 81 38.46 0.56 -0.12
C GLY G 81 39.30 1.62 -0.84
N LEU G 82 38.61 2.54 -1.54
CA LEU G 82 39.31 3.59 -2.28
C LEU G 82 39.91 4.66 -1.39
N ARG G 83 41.12 5.11 -1.77
CA ARG G 83 41.81 6.19 -1.06
C ARG G 83 41.93 7.37 -2.00
N ALA G 84 42.13 8.56 -1.45
CA ALA G 84 42.25 9.78 -2.28
C ALA G 84 43.38 9.65 -3.30
N VAL G 85 44.38 8.84 -2.96
CA VAL G 85 45.48 8.51 -3.86
C VAL G 85 45.01 7.75 -5.11
N ASP G 86 43.91 7.03 -4.97
CA ASP G 86 43.50 6.09 -6.01
C ASP G 86 42.69 6.71 -7.14
N THR G 87 43.10 6.39 -8.36
CA THR G 87 42.37 6.78 -9.54
C THR G 87 42.22 5.55 -10.42
N GLY G 88 41.04 5.38 -11.00
CA GLY G 88 40.79 4.26 -11.87
C GLY G 88 39.54 4.44 -12.70
N LEU G 89 39.58 3.96 -13.94
CA LEU G 89 38.41 3.90 -14.78
C LEU G 89 37.79 2.52 -14.60
N TYR G 90 36.55 2.47 -14.13
CA TYR G 90 35.91 1.18 -13.85
C TYR G 90 34.89 0.82 -14.91
N LEU G 91 35.21 -0.25 -15.65
CA LEU G 91 34.37 -0.64 -16.78
C LEU G 91 33.40 -1.73 -16.42
N CYS G 92 32.17 -1.55 -16.88
CA CYS G 92 31.11 -2.47 -16.60
C CYS G 92 30.89 -3.40 -17.79
N LYS G 93 31.24 -4.67 -17.65
CA LYS G 93 31.01 -5.60 -18.74
C LYS G 93 29.82 -6.50 -18.38
N VAL G 94 28.91 -6.68 -19.34
CA VAL G 94 27.70 -7.43 -19.11
C VAL G 94 27.51 -8.56 -20.13
N GLU G 95 27.32 -9.77 -19.63
CA GLU G 95 27.05 -10.91 -20.49
C GLU G 95 25.71 -11.56 -20.15
N LEU G 96 24.91 -11.81 -21.18
CA LEU G 96 23.66 -12.54 -20.99
C LEU G 96 23.93 -13.99 -21.39
N MET G 97 24.11 -14.84 -20.38
CA MET G 97 24.74 -16.14 -20.58
C MET G 97 23.82 -17.24 -21.05
N TYR G 98 22.58 -17.22 -20.57
CA TYR G 98 21.68 -18.32 -20.84
C TYR G 98 20.27 -17.82 -20.60
N PRO G 99 19.29 -18.33 -21.37
CA PRO G 99 19.47 -19.25 -22.51
C PRO G 99 19.98 -18.50 -23.74
N PRO G 100 20.36 -19.23 -24.80
CA PRO G 100 20.77 -18.53 -26.03
C PRO G 100 19.62 -17.68 -26.59
N PRO G 101 19.95 -16.62 -27.35
CA PRO G 101 21.31 -16.21 -27.70
C PRO G 101 22.10 -15.55 -26.57
N TYR G 102 23.42 -15.77 -26.61
CA TYR G 102 24.38 -15.00 -25.81
C TYR G 102 24.48 -13.56 -26.33
N PHE G 103 24.59 -12.60 -25.40
CA PHE G 103 24.82 -11.20 -25.73
C PHE G 103 25.91 -10.65 -24.84
N VAL G 104 26.71 -9.75 -25.37
CA VAL G 104 27.75 -9.13 -24.57
C VAL G 104 27.85 -7.63 -24.88
N GLY G 105 28.13 -6.82 -23.86
CA GLY G 105 28.42 -5.41 -24.03
C GLY G 105 29.37 -4.94 -22.93
N MET G 106 29.93 -3.76 -23.15
CA MET G 106 30.89 -3.20 -22.20
C MET G 106 30.69 -1.69 -22.16
N GLY G 107 30.51 -1.14 -20.97
CA GLY G 107 30.35 0.30 -20.84
C GLY G 107 31.63 1.06 -21.10
N ASN G 108 31.52 2.38 -21.20
CA ASN G 108 32.66 3.25 -21.43
C ASN G 108 33.57 3.37 -20.21
N GLY G 109 33.06 2.99 -19.06
CA GLY G 109 33.83 3.11 -17.84
C GLY G 109 33.41 4.34 -17.07
N THR G 110 33.49 4.23 -15.75
CA THR G 110 33.18 5.34 -14.86
C THR G 110 34.47 5.74 -14.16
N GLN G 111 34.86 7.00 -14.29
CA GLN G 111 36.03 7.49 -13.59
C GLN G 111 35.65 7.82 -12.15
N ILE G 112 36.41 7.28 -11.21
CA ILE G 112 36.12 7.47 -9.79
C ILE G 112 37.21 8.30 -9.12
N TYR G 113 36.81 9.43 -8.55
CA TYR G 113 37.71 10.30 -7.77
C TYR G 113 37.30 10.30 -6.30
N VAL G 114 38.27 10.12 -5.41
CA VAL G 114 38.04 10.19 -3.97
C VAL G 114 38.37 11.60 -3.45
N ILE G 115 37.50 12.15 -2.61
CA ILE G 115 37.55 13.56 -2.22
C ILE G 115 38.60 13.95 -1.17
N ASP G 116 38.33 13.62 0.08
CA ASP G 116 39.14 14.10 1.23
C ASP G 116 39.05 15.61 1.41
N VAL H 4 7.83 -2.60 -20.32
CA VAL H 4 7.07 -3.35 -21.32
C VAL H 4 6.09 -4.34 -20.68
N GLN H 5 4.81 -4.23 -21.05
CA GLN H 5 3.78 -5.09 -20.53
C GLN H 5 3.47 -6.22 -21.51
N LEU H 6 3.64 -7.47 -21.05
CA LEU H 6 3.41 -8.65 -21.87
C LEU H 6 2.11 -9.37 -21.47
N VAL H 7 1.31 -9.74 -22.47
CA VAL H 7 0.07 -10.49 -22.23
C VAL H 7 0.01 -11.68 -23.18
N GLU H 8 -0.05 -12.88 -22.61
CA GLU H 8 -0.18 -14.08 -23.42
C GLU H 8 -1.64 -14.34 -23.76
N SER H 9 -1.88 -14.94 -24.91
CA SER H 9 -3.21 -15.48 -25.21
C SER H 9 -3.11 -16.59 -26.25
N GLY H 10 -4.26 -17.09 -26.69
CA GLY H 10 -4.29 -18.15 -27.68
C GLY H 10 -4.05 -19.52 -27.06
N GLY H 11 -4.02 -19.57 -25.74
CA GLY H 11 -3.94 -20.84 -25.05
C GLY H 11 -5.27 -21.55 -25.17
N GLY H 12 -5.26 -22.86 -25.01
CA GLY H 12 -6.49 -23.61 -25.11
C GLY H 12 -6.33 -25.10 -25.01
N LEU H 13 -7.38 -25.83 -25.36
CA LEU H 13 -7.33 -27.28 -25.38
C LEU H 13 -7.01 -27.74 -26.81
N ALA H 14 -6.33 -28.86 -26.92
CA ALA H 14 -5.90 -29.40 -28.22
C ALA H 14 -5.75 -30.92 -28.18
N GLN H 15 -5.88 -31.54 -29.34
CA GLN H 15 -5.70 -32.97 -29.45
C GLN H 15 -4.24 -33.26 -29.66
N PRO H 16 -3.78 -34.42 -29.17
CA PRO H 16 -2.39 -34.82 -29.42
C PRO H 16 -2.16 -34.82 -30.92
N GLY H 17 -1.14 -34.10 -31.37
CA GLY H 17 -0.84 -34.05 -32.79
C GLY H 17 -1.37 -32.81 -33.48
N GLY H 18 -2.16 -32.02 -32.77
CA GLY H 18 -2.76 -30.81 -33.34
C GLY H 18 -1.91 -29.59 -33.08
N SER H 19 -2.47 -28.41 -33.38
CA SER H 19 -1.73 -27.16 -33.25
C SER H 19 -2.44 -26.11 -32.42
N LEU H 20 -1.63 -25.23 -31.82
CA LEU H 20 -2.10 -23.99 -31.22
C LEU H 20 -1.11 -22.92 -31.65
N ARG H 21 -1.56 -21.68 -31.67
CA ARG H 21 -0.64 -20.58 -31.87
C ARG H 21 -0.81 -19.62 -30.71
N LEU H 22 0.23 -19.44 -29.93
CA LEU H 22 0.16 -18.53 -28.79
C LEU H 22 0.56 -17.14 -29.23
N SER H 23 0.09 -16.16 -28.51
CA SER H 23 0.47 -14.79 -28.78
C SER H 23 1.01 -14.17 -27.52
N CYS H 24 2.08 -13.40 -27.68
CA CYS H 24 2.63 -12.58 -26.63
C CYS H 24 2.52 -11.16 -27.15
N ALA H 25 1.45 -10.47 -26.77
CA ALA H 25 1.24 -9.08 -27.21
C ALA H 25 1.89 -8.12 -26.24
N ALA H 26 2.71 -7.21 -26.76
CA ALA H 26 3.43 -6.29 -25.91
C ALA H 26 2.75 -4.96 -25.90
N SER H 27 2.71 -4.36 -24.71
CA SER H 27 2.13 -3.05 -24.49
C SER H 27 3.24 -2.16 -23.93
N GLY H 28 3.05 -0.85 -23.99
CA GLY H 28 3.98 0.08 -23.37
C GLY H 28 5.07 0.52 -24.32
N SER H 29 6.13 -0.27 -24.43
CA SER H 29 7.17 0.07 -25.39
C SER H 29 7.28 -1.04 -26.42
N THR H 30 8.12 -0.82 -27.43
CA THR H 30 8.29 -1.80 -28.49
C THR H 30 9.13 -3.02 -28.07
N ILE H 31 8.86 -4.14 -28.70
CA ILE H 31 9.73 -5.30 -28.56
C ILE H 31 10.41 -5.63 -29.89
N SER H 32 10.35 -4.69 -30.85
CA SER H 32 11.01 -4.86 -32.14
C SER H 32 12.48 -5.31 -32.03
N SER H 33 13.21 -4.73 -31.09
CA SER H 33 14.62 -5.02 -31.02
C SER H 33 14.99 -5.94 -29.85
N VAL H 34 13.98 -6.47 -29.17
CA VAL H 34 14.18 -7.26 -27.94
C VAL H 34 14.01 -8.76 -28.15
N ALA H 35 14.99 -9.55 -27.72
CA ALA H 35 14.81 -11.00 -27.68
C ALA H 35 13.75 -11.36 -26.63
N VAL H 36 12.68 -12.00 -27.07
CA VAL H 36 11.58 -12.33 -26.17
C VAL H 36 11.59 -13.83 -25.93
N GLY H 37 11.54 -14.22 -24.67
CA GLY H 37 11.55 -15.64 -24.36
C GLY H 37 10.15 -16.21 -24.20
N TRP H 38 9.96 -17.47 -24.56
CA TRP H 38 8.75 -18.21 -24.24
C TRP H 38 9.14 -19.28 -23.23
N TYR H 39 8.37 -19.40 -22.15
CA TYR H 39 8.63 -20.35 -21.08
C TYR H 39 7.39 -21.20 -20.78
N ARG H 40 7.56 -22.32 -20.09
CA ARG H 40 6.42 -23.11 -19.66
C ARG H 40 6.60 -23.67 -18.26
N GLN H 41 5.48 -23.80 -17.56
CA GLN H 41 5.51 -24.30 -16.20
C GLN H 41 4.35 -25.23 -15.95
N THR H 42 4.67 -26.43 -15.49
CA THR H 42 3.68 -27.35 -14.96
C THR H 42 3.67 -27.14 -13.45
N PRO H 43 2.54 -27.47 -12.78
CA PRO H 43 2.40 -27.32 -11.32
C PRO H 43 3.48 -28.05 -10.51
N GLY H 44 4.00 -27.39 -9.47
CA GLY H 44 5.04 -27.96 -8.63
C GLY H 44 6.44 -27.87 -9.20
N ASN H 45 6.54 -27.47 -10.47
CA ASN H 45 7.81 -27.41 -11.17
C ASN H 45 8.24 -25.98 -11.47
N GLN H 46 9.42 -25.82 -12.06
CA GLN H 46 9.93 -24.49 -12.41
C GLN H 46 9.52 -24.06 -13.81
N ARG H 47 9.62 -22.76 -14.07
CA ARG H 47 9.42 -22.20 -15.40
C ARG H 47 10.59 -22.58 -16.29
N GLU H 48 10.32 -23.43 -17.28
CA GLU H 48 11.36 -23.95 -18.15
C GLU H 48 11.39 -23.19 -19.47
N TRP H 49 12.59 -22.87 -19.94
CA TRP H 49 12.74 -22.14 -21.20
C TRP H 49 12.24 -22.97 -22.39
N VAL H 50 11.53 -22.32 -23.30
CA VAL H 50 11.00 -23.01 -24.47
C VAL H 50 11.70 -22.53 -25.75
N ALA H 51 11.72 -21.23 -25.96
CA ALA H 51 12.33 -20.65 -27.14
C ALA H 51 12.49 -19.16 -26.95
N THR H 52 13.38 -18.55 -27.74
CA THR H 52 13.56 -17.12 -27.70
C THR H 52 13.51 -16.59 -29.13
N SER H 53 12.85 -15.45 -29.33
CA SER H 53 12.65 -14.91 -30.67
C SER H 53 13.94 -14.36 -31.27
N SER H 54 13.89 -14.05 -32.56
CA SER H 54 15.01 -13.46 -33.25
C SER H 54 15.18 -12.01 -32.82
N THR H 55 16.33 -11.42 -33.14
CA THR H 55 16.54 -9.99 -33.00
C THR H 55 17.17 -9.54 -34.31
N SER H 56 17.66 -8.30 -34.38
CA SER H 56 18.21 -7.83 -35.64
C SER H 56 19.53 -8.54 -35.96
N SER H 57 20.23 -8.98 -34.91
CA SER H 57 21.53 -9.64 -35.07
C SER H 57 21.55 -11.14 -34.78
N THR H 58 20.41 -11.71 -34.37
CA THR H 58 20.41 -13.12 -33.94
C THR H 58 19.21 -13.93 -34.44
N THR H 59 19.42 -15.21 -34.76
CA THR H 59 18.34 -16.08 -35.16
C THR H 59 17.59 -16.63 -33.94
N ALA H 60 16.37 -17.10 -34.15
CA ALA H 60 15.55 -17.71 -33.12
C ALA H 60 16.21 -18.95 -32.49
N THR H 61 16.08 -19.10 -31.18
CA THR H 61 16.65 -20.27 -30.48
C THR H 61 15.54 -21.12 -29.85
N TYR H 62 15.79 -22.42 -29.72
CA TYR H 62 14.80 -23.37 -29.22
C TYR H 62 15.36 -24.36 -28.20
N ALA H 63 14.57 -24.71 -27.19
CA ALA H 63 14.97 -25.82 -26.32
C ALA H 63 14.89 -27.11 -27.13
N ASP H 64 15.65 -28.11 -26.72
CA ASP H 64 15.76 -29.37 -27.46
C ASP H 64 14.43 -30.07 -27.62
N SER H 65 13.58 -29.96 -26.61
CA SER H 65 12.34 -30.73 -26.55
C SER H 65 11.29 -30.21 -27.54
N VAL H 66 11.44 -28.95 -27.96
CA VAL H 66 10.45 -28.35 -28.85
C VAL H 66 10.95 -28.08 -30.25
N LYS H 67 12.24 -28.36 -30.50
CA LYS H 67 12.84 -28.07 -31.80
C LYS H 67 12.15 -28.86 -32.94
N GLY H 68 11.78 -28.14 -33.99
CA GLY H 68 11.16 -28.75 -35.15
C GLY H 68 9.66 -28.85 -35.01
N ARG H 69 9.16 -28.53 -33.83
CA ARG H 69 7.72 -28.64 -33.57
C ARG H 69 7.15 -27.25 -33.36
N PHE H 70 7.88 -26.42 -32.62
CA PHE H 70 7.47 -25.05 -32.35
C PHE H 70 8.31 -24.10 -33.19
N THR H 71 7.68 -23.02 -33.62
CA THR H 71 8.36 -21.98 -34.36
C THR H 71 7.93 -20.67 -33.75
N ILE H 72 8.90 -19.80 -33.47
CA ILE H 72 8.62 -18.44 -33.01
C ILE H 72 8.66 -17.51 -34.22
N SER H 73 7.75 -16.52 -34.25
CA SER H 73 7.79 -15.50 -35.29
C SER H 73 7.44 -14.12 -34.73
N ARG H 74 7.68 -13.10 -35.55
CA ARG H 74 7.41 -11.73 -35.12
C ARG H 74 6.37 -11.06 -35.98
N ASP H 75 5.48 -10.33 -35.32
CA ASP H 75 4.71 -9.29 -35.98
C ASP H 75 5.11 -7.93 -35.39
N ASN H 76 6.18 -7.38 -35.96
CA ASN H 76 6.70 -6.02 -35.69
C ASN H 76 5.59 -4.96 -35.50
N ALA H 77 4.71 -4.81 -36.47
CA ALA H 77 3.75 -3.72 -36.43
C ALA H 77 2.68 -3.93 -35.35
N LYS H 78 2.42 -5.19 -35.02
CA LYS H 78 1.45 -5.51 -33.98
C LYS H 78 2.13 -5.67 -32.64
N ASN H 79 3.42 -5.34 -32.59
CA ASN H 79 4.22 -5.44 -31.38
C ASN H 79 3.98 -6.77 -30.65
N THR H 80 4.01 -7.87 -31.42
CA THR H 80 3.60 -9.20 -30.92
C THR H 80 4.56 -10.33 -31.33
N ILE H 81 4.79 -11.27 -30.42
CA ILE H 81 5.50 -12.51 -30.71
C ILE H 81 4.53 -13.71 -30.73
N TYR H 82 4.65 -14.55 -31.75
CA TYR H 82 3.86 -15.76 -31.80
C TYR H 82 4.72 -16.99 -31.51
N LEU H 83 4.10 -17.97 -30.85
CA LEU H 83 4.64 -19.31 -30.74
C LEU H 83 3.69 -20.26 -31.47
N GLN H 84 4.12 -20.77 -32.62
CA GLN H 84 3.34 -21.75 -33.35
C GLN H 84 3.72 -23.14 -32.87
N MET H 85 2.79 -23.82 -32.21
CA MET H 85 3.06 -25.13 -31.68
C MET H 85 2.38 -26.16 -32.54
N ASN H 86 3.15 -26.89 -33.36
CA ASN H 86 2.64 -28.03 -34.12
C ASN H 86 3.04 -29.35 -33.45
N SER H 87 2.49 -30.45 -33.95
CA SER H 87 2.77 -31.78 -33.42
C SER H 87 2.66 -31.80 -31.89
N LEU H 88 1.59 -31.23 -31.38
CA LEU H 88 1.40 -31.11 -29.93
C LEU H 88 1.37 -32.48 -29.24
N LYS H 89 1.92 -32.52 -28.04
CA LYS H 89 2.05 -33.74 -27.26
C LYS H 89 1.45 -33.48 -25.88
N PRO H 90 0.97 -34.55 -25.20
CA PRO H 90 0.37 -34.36 -23.87
C PRO H 90 1.34 -33.74 -22.86
N GLU H 91 2.64 -33.91 -23.10
CA GLU H 91 3.68 -33.42 -22.20
C GLU H 91 3.96 -31.95 -22.47
N ASP H 92 3.25 -31.38 -23.43
CA ASP H 92 3.35 -29.96 -23.72
C ASP H 92 2.38 -29.18 -22.85
N THR H 93 1.56 -29.91 -22.09
CA THR H 93 0.55 -29.31 -21.21
C THR H 93 1.22 -28.51 -20.12
N ALA H 94 0.92 -27.21 -20.10
CA ALA H 94 1.43 -26.31 -19.07
C ALA H 94 0.85 -24.93 -19.28
N VAL H 95 1.17 -24.04 -18.35
CA VAL H 95 0.98 -22.61 -18.54
C VAL H 95 2.22 -22.03 -19.23
N TYR H 96 2.01 -21.31 -20.34
CA TYR H 96 3.09 -20.71 -21.13
C TYR H 96 3.20 -19.21 -20.92
N TYR H 97 4.42 -18.74 -20.63
CA TYR H 97 4.70 -17.32 -20.36
C TYR H 97 5.66 -16.77 -21.40
N CYS H 98 5.51 -15.49 -21.73
CA CYS H 98 6.58 -14.81 -22.44
C CYS H 98 7.28 -13.89 -21.46
N LYS H 99 8.53 -13.54 -21.77
CA LYS H 99 9.36 -12.77 -20.85
C LYS H 99 10.33 -11.89 -21.64
N THR H 100 10.61 -10.70 -21.14
CA THR H 100 11.83 -10.00 -21.52
C THR H 100 12.72 -9.84 -20.31
N GLY H 101 14.01 -9.58 -20.54
CA GLY H 101 14.97 -9.41 -19.46
C GLY H 101 15.05 -10.61 -18.53
N LEU H 102 15.43 -10.36 -17.28
CA LEU H 102 15.63 -11.43 -16.32
C LEU H 102 14.31 -11.84 -15.67
N THR H 103 13.42 -10.89 -15.44
CA THR H 103 12.22 -11.11 -14.61
C THR H 103 10.91 -10.51 -15.13
N ASN H 104 10.87 -10.01 -16.36
CA ASN H 104 9.67 -9.34 -16.84
C ASN H 104 8.68 -10.30 -17.50
N TRP H 105 7.95 -11.05 -16.68
CA TRP H 105 7.02 -12.08 -17.16
C TRP H 105 5.66 -11.51 -17.54
N GLY H 106 5.00 -12.18 -18.48
CA GLY H 106 3.58 -11.97 -18.70
C GLY H 106 2.74 -12.71 -17.66
N ARG H 107 1.44 -12.81 -17.91
CA ARG H 107 0.52 -13.43 -16.94
C ARG H 107 0.41 -14.94 -17.14
N GLY H 108 0.68 -15.40 -18.36
CA GLY H 108 0.56 -16.82 -18.68
C GLY H 108 -0.74 -17.19 -19.37
N THR H 109 -0.67 -18.19 -20.23
CA THR H 109 -1.84 -18.70 -20.92
C THR H 109 -1.80 -20.25 -20.79
N GLN H 110 -2.96 -20.86 -20.61
CA GLN H 110 -2.99 -22.31 -20.36
C GLN H 110 -3.11 -23.12 -21.63
N VAL H 111 -2.26 -24.13 -21.76
CA VAL H 111 -2.34 -25.08 -22.86
C VAL H 111 -2.55 -26.48 -22.31
N THR H 112 -3.57 -27.18 -22.83
CA THR H 112 -3.85 -28.54 -22.39
C THR H 112 -3.99 -29.45 -23.59
N VAL H 113 -3.23 -30.55 -23.60
CA VAL H 113 -3.26 -31.49 -24.70
C VAL H 113 -3.75 -32.82 -24.18
C1 GOL I . -13.31 0.89 37.44
O1 GOL I . -12.26 1.34 36.60
C2 GOL I . -14.35 1.98 37.62
O2 GOL I . -13.94 3.16 36.98
C3 GOL I . -15.69 1.52 37.05
O3 GOL I . -16.78 2.16 37.69
#